data_3V3Z
#
_entry.id   3V3Z
#
_cell.length_a   140.130
_cell.length_b   140.130
_cell.length_c   186.030
_cell.angle_alpha   90.00
_cell.angle_beta   90.00
_cell.angle_gamma   120.00
#
_symmetry.space_group_name_H-M   'P 31 2 1'
#
loop_
_entity.id
_entity.type
_entity.pdbx_description
1 polymer 'Reaction center protein H chain'
2 polymer 'Reaction center protein L chain'
3 polymer 'Reaction center protein M chain'
4 non-polymer 'LAURYL DIMETHYLAMINE-N-OXIDE'
5 non-polymer 'PHOSPHATE ION'
6 non-polymer HEPTANE-1,2,3-TRIOL
7 non-polymer '1,4-DIETHYLENE DIOXIDE'
8 non-polymer 'POTASSIUM ION'
9 non-polymer 'BACTERIOCHLOROPHYLL A'
10 non-polymer 'BACTERIOPHEOPHYTIN A'
11 non-polymer UBIQUINONE-10
12 non-polymer 'FE (III) ION'
13 non-polymer SPEROIDENONE
14 non-polymer 'CHLORIDE ION'
15 water water
#
loop_
_entity_poly.entity_id
_entity_poly.type
_entity_poly.pdbx_seq_one_letter_code
_entity_poly.pdbx_strand_id
1 'polypeptide(L)'
;FDLASLAIYSFWIFLAGLIYYLQTENMREGYPLENEDGTPAANQGPFPLPKPKTFILPHGRGTLTVPGPESEDRPIALAR
TAVSEGFPHAPTGDPMKDGVGPASWVARRDLPELDGHGHNKIKPMKAAAGFHVSAGKNPIGLPVRGCDLEIAGKVVDIWV
DIPEQMARFLEVELKDGSTRLLPMQMVKVQSNRVHVNALSSDLFAGIPTIKSPTEVTLLEEDKICGYVAGGLMYAAPKRK
S
;
H
2 'polypeptide(L)'
;ALLSFERKYRVPGGTLVGGNLFDFWVGPFYVGFFGVATFFFAALGIILIAWSAVLQGTWNPQLISVYPPALEYGLGGAPL
AKGGLWQIITICATGAFVSWALREVEICRKLGIGYHIPFAFAFAILAYLTLVLFRPVMMGAWGYAFPYGIWTHLDWVSNT
GYTYGNFHYNPAHMIAHTFFFTNALALALHGALVLSAANPEKGKEMRTPDHEDTFFRDLVGYSIGTLGIHRLGLLLSLSA
VFFSALCMIITGTIWFDQWVDWWQWWVKLPWWANIPGGING
;
L
3 'polypeptide(L)'
;AEYQNIFTQVQVRGPADLGMTEDVNLANRSGVGPFSTLLGWFGNAQLGPIYLGSLGVLSLFSGLMWFFTIGIWFWYQAGW
NPAVFLRDLFFFSLEPPAPEYGLSFAAPLKEGGLWLIASFFMFVAVWSWWGRTYLRAQALGMGKHTAWAFLSAIWLWMVL
GFIRPILMGSWSEAVPYGIFSHLDWTNNFSLVHGNLFYNPFHGLSIAFLYGSALLFAMHGATILAVSRFGGERELEQIAD
RGTAAERAALFWRWTMGFNATMEGIHRWAIWMAVLVTLTGGIGILLSGTVVDNWYVWGQNHG
;
M
#
# COMPACT_ATOMS: atom_id res chain seq x y z
N PHE A 1 5.95 -16.33 -34.84
CA PHE A 1 7.11 -16.88 -34.07
C PHE A 1 8.25 -15.85 -33.82
N ASP A 2 7.87 -14.56 -33.73
CA ASP A 2 8.85 -13.48 -33.45
C ASP A 2 9.14 -13.37 -31.95
N LEU A 3 10.16 -12.58 -31.62
CA LEU A 3 10.62 -12.51 -30.26
C LEU A 3 9.51 -12.11 -29.30
N ALA A 4 8.83 -10.98 -29.58
CA ALA A 4 7.79 -10.47 -28.68
C ALA A 4 6.70 -11.49 -28.37
N SER A 5 6.33 -12.29 -29.37
CA SER A 5 5.36 -13.36 -29.19
C SER A 5 5.86 -14.45 -28.25
N LEU A 6 7.16 -14.68 -28.26
CA LEU A 6 7.75 -15.60 -27.30
C LEU A 6 7.68 -14.98 -25.90
N ALA A 7 8.38 -13.86 -25.73
CA ALA A 7 8.47 -13.17 -24.43
C ALA A 7 7.14 -13.13 -23.67
N ILE A 8 6.04 -12.90 -24.39
CA ILE A 8 4.72 -12.75 -23.74
C ILE A 8 4.13 -14.09 -23.25
N TYR A 9 4.22 -15.12 -24.10
CA TYR A 9 3.86 -16.49 -23.75
C TYR A 9 4.72 -16.91 -22.54
N SER A 10 6.01 -16.60 -22.61
CA SER A 10 6.95 -16.93 -21.54
C SER A 10 6.53 -16.31 -20.23
N PHE A 11 6.16 -15.03 -20.28
CA PHE A 11 5.62 -14.34 -19.12
C PHE A 11 4.37 -15.02 -18.55
N TRP A 12 3.31 -15.15 -19.35
CA TRP A 12 2.07 -15.72 -18.83
C TRP A 12 2.29 -17.01 -18.06
N ILE A 13 3.33 -17.74 -18.42
CA ILE A 13 3.72 -18.96 -17.70
C ILE A 13 4.39 -18.58 -16.38
N PHE A 14 5.54 -17.91 -16.45
CA PHE A 14 6.20 -17.35 -15.27
C PHE A 14 5.17 -16.92 -14.24
N LEU A 15 4.29 -16.01 -14.62
CA LEU A 15 3.27 -15.47 -13.73
C LEU A 15 2.46 -16.51 -12.93
N ALA A 16 2.00 -17.55 -13.61
CA ALA A 16 1.23 -18.63 -12.97
C ALA A 16 2.06 -19.36 -11.92
N GLY A 17 3.34 -19.59 -12.22
CA GLY A 17 4.27 -20.16 -11.25
C GLY A 17 4.52 -19.24 -10.05
N LEU A 18 4.71 -17.96 -10.34
CA LEU A 18 4.82 -16.96 -9.31
C LEU A 18 3.58 -17.03 -8.40
N ILE A 19 2.39 -16.98 -9.00
CA ILE A 19 1.13 -17.02 -8.21
C ILE A 19 1.04 -18.29 -7.36
N TYR A 20 1.54 -19.38 -7.91
CA TYR A 20 1.62 -20.66 -7.22
C TYR A 20 2.56 -20.56 -6.00
N TYR A 21 3.81 -20.22 -6.26
CA TYR A 21 4.77 -19.89 -5.23
C TYR A 21 4.12 -19.02 -4.14
N LEU A 22 3.62 -17.86 -4.54
CA LEU A 22 3.01 -16.91 -3.61
C LEU A 22 1.91 -17.52 -2.77
N GLN A 23 1.03 -18.28 -3.42
CA GLN A 23 -0.11 -18.83 -2.74
C GLN A 23 0.29 -19.92 -1.76
N THR A 24 1.24 -20.78 -2.15
CA THR A 24 1.79 -21.77 -1.22
C THR A 24 2.56 -21.08 -0.08
N GLU A 25 3.39 -20.09 -0.42
CA GLU A 25 4.05 -19.30 0.60
C GLU A 25 3.09 -18.79 1.66
N ASN A 26 1.89 -18.40 1.24
CA ASN A 26 0.90 -17.86 2.20
C ASN A 26 0.03 -18.91 2.89
N MET A 27 0.51 -20.15 2.88
CA MET A 27 -0.20 -21.25 3.52
C MET A 27 0.51 -21.75 4.77
N ARG A 28 1.62 -21.10 5.11
CA ARG A 28 2.42 -21.48 6.28
C ARG A 28 1.73 -21.31 7.62
N GLU A 29 0.51 -20.78 7.64
CA GLU A 29 -0.21 -20.54 8.90
C GLU A 29 -1.71 -20.77 8.76
N GLY A 30 -2.29 -21.44 9.74
CA GLY A 30 -3.73 -21.77 9.71
C GLY A 30 -4.12 -23.01 8.92
N TYR A 31 -3.18 -23.51 8.12
CA TYR A 31 -3.40 -24.73 7.33
C TYR A 31 -2.70 -25.93 8.02
N PRO A 32 -3.20 -27.17 7.79
CA PRO A 32 -4.31 -27.61 6.94
C PRO A 32 -5.67 -27.21 7.51
N LEU A 33 -6.63 -27.03 6.61
CA LEU A 33 -7.97 -26.58 6.98
C LEU A 33 -8.69 -27.59 7.87
N GLU A 34 -9.70 -27.10 8.59
CA GLU A 34 -10.42 -27.92 9.55
C GLU A 34 -11.94 -27.79 9.42
N ASN A 35 -12.64 -28.84 9.84
CA ASN A 35 -14.06 -28.76 10.05
C ASN A 35 -14.26 -28.00 11.35
N GLU A 36 -15.49 -27.56 11.60
CA GLU A 36 -15.80 -26.79 12.79
C GLU A 36 -15.49 -27.59 14.07
N ASP A 37 -15.22 -28.89 13.93
CA ASP A 37 -14.88 -29.70 15.09
C ASP A 37 -13.38 -30.03 15.26
N GLY A 38 -12.55 -29.43 14.42
CA GLY A 38 -11.09 -29.53 14.58
C GLY A 38 -10.39 -30.67 13.87
N THR A 39 -11.16 -31.61 13.35
CA THR A 39 -10.61 -32.70 12.54
C THR A 39 -10.21 -32.11 11.17
N PRO A 40 -9.19 -32.69 10.52
CA PRO A 40 -8.82 -32.16 9.20
C PRO A 40 -10.03 -32.16 8.25
N ALA A 41 -10.37 -30.99 7.70
CA ALA A 41 -11.36 -30.90 6.63
C ALA A 41 -10.99 -31.82 5.48
N ALA A 42 -12.00 -32.34 4.78
CA ALA A 42 -11.78 -33.25 3.66
C ALA A 42 -11.11 -32.52 2.51
N ASN A 43 -11.61 -31.32 2.25
CA ASN A 43 -11.24 -30.52 1.10
C ASN A 43 -10.27 -29.37 1.44
N GLN A 44 -9.06 -29.44 0.88
CA GLN A 44 -7.96 -28.51 1.19
C GLN A 44 -7.65 -27.47 0.07
N GLY A 45 -8.45 -27.46 -0.99
CA GLY A 45 -8.19 -26.60 -2.15
C GLY A 45 -7.10 -27.14 -3.07
N PRO A 46 -6.81 -26.42 -4.19
CA PRO A 46 -5.88 -26.92 -5.23
C PRO A 46 -4.41 -26.91 -4.83
N PHE A 47 -4.05 -26.09 -3.84
CA PHE A 47 -2.65 -25.81 -3.47
C PHE A 47 -2.16 -26.69 -2.30
N PRO A 48 -1.00 -27.35 -2.47
CA PRO A 48 -0.36 -28.19 -1.43
C PRO A 48 0.47 -27.38 -0.42
N LEU A 49 0.68 -27.91 0.78
CA LEU A 49 1.54 -27.26 1.78
C LEU A 49 2.98 -27.12 1.25
N PRO A 50 3.68 -26.05 1.65
CA PRO A 50 5.05 -25.92 1.19
C PRO A 50 6.00 -26.74 2.05
N LYS A 51 7.26 -26.83 1.63
CA LYS A 51 8.30 -27.43 2.47
C LYS A 51 8.54 -26.51 3.68
N PRO A 52 8.64 -27.09 4.87
CA PRO A 52 8.80 -26.24 6.05
C PRO A 52 10.04 -25.36 5.97
N LYS A 53 9.97 -24.18 6.54
CA LYS A 53 11.15 -23.34 6.69
C LYS A 53 11.29 -23.06 8.18
N THR A 54 12.51 -22.72 8.59
CA THR A 54 12.78 -22.52 10.00
C THR A 54 13.46 -21.18 10.28
N PHE A 55 12.75 -20.34 11.03
CA PHE A 55 13.29 -19.06 11.45
C PHE A 55 14.10 -19.28 12.69
N ILE A 56 15.31 -18.73 12.70
CA ILE A 56 16.10 -18.66 13.92
C ILE A 56 15.72 -17.38 14.64
N LEU A 57 15.00 -17.51 15.75
CA LEU A 57 14.62 -16.36 16.57
C LEU A 57 15.86 -15.82 17.23
N PRO A 58 15.93 -14.48 17.46
CA PRO A 58 17.11 -13.95 18.15
C PRO A 58 16.99 -14.14 19.65
N HIS A 59 18.09 -13.84 20.35
CA HIS A 59 18.18 -13.88 21.82
C HIS A 59 17.87 -15.25 22.40
N GLY A 60 18.38 -16.28 21.71
CA GLY A 60 18.17 -17.68 22.05
C GLY A 60 16.75 -17.96 22.48
N ARG A 61 15.77 -17.43 21.75
CA ARG A 61 14.37 -17.71 22.06
C ARG A 61 13.90 -18.92 21.28
N GLY A 62 14.82 -19.51 20.51
CA GLY A 62 14.55 -20.77 19.83
C GLY A 62 14.37 -20.61 18.34
N THR A 63 13.51 -21.47 17.77
CA THR A 63 13.14 -21.36 16.37
C THR A 63 11.63 -21.39 16.19
N LEU A 64 11.19 -21.06 14.98
CA LEU A 64 9.83 -21.36 14.56
C LEU A 64 9.92 -22.04 13.22
N THR A 65 9.10 -23.06 13.05
CA THR A 65 9.10 -23.87 11.85
C THR A 65 7.69 -23.98 11.31
N VAL A 66 7.52 -23.52 10.08
CA VAL A 66 6.21 -23.42 9.44
C VAL A 66 6.30 -23.96 8.02
N PRO A 67 5.27 -24.72 7.57
CA PRO A 67 4.12 -25.04 8.43
C PRO A 67 4.51 -26.04 9.53
N GLY A 68 3.72 -26.09 10.60
CA GLY A 68 3.96 -27.03 11.68
C GLY A 68 2.67 -27.42 12.38
N PRO A 69 2.69 -28.52 13.15
CA PRO A 69 1.51 -28.97 13.89
C PRO A 69 0.89 -27.78 14.62
N GLU A 70 -0.43 -27.66 14.55
CA GLU A 70 -1.09 -26.43 14.94
C GLU A 70 -2.33 -26.61 15.82
N SER A 71 -2.21 -26.20 17.07
CA SER A 71 -3.37 -26.23 17.95
C SER A 71 -3.59 -24.85 18.55
N GLU A 72 -4.81 -24.62 19.03
CA GLU A 72 -5.17 -23.35 19.66
C GLU A 72 -4.51 -23.17 21.04
N ASP A 73 -4.07 -24.28 21.66
CA ASP A 73 -3.42 -24.28 22.98
C ASP A 73 -4.22 -23.58 24.08
N ARG A 74 -5.54 -23.52 23.90
CA ARG A 74 -6.47 -22.93 24.87
C ARG A 74 -7.89 -23.50 24.68
N PRO A 75 -8.72 -23.46 25.74
CA PRO A 75 -10.12 -23.86 25.59
C PRO A 75 -10.92 -22.78 24.87
N ILE A 76 -11.86 -23.15 24.02
CA ILE A 76 -12.66 -22.17 23.30
C ILE A 76 -14.11 -22.31 23.68
N ALA A 77 -14.63 -21.34 24.41
CA ALA A 77 -15.97 -21.43 25.02
C ALA A 77 -17.10 -21.07 24.08
N LEU A 78 -17.31 -21.90 23.07
CA LEU A 78 -18.38 -21.69 22.09
C LEU A 78 -19.08 -23.02 21.78
N ALA A 79 -20.37 -22.94 21.49
CA ALA A 79 -21.08 -24.13 21.04
C ALA A 79 -21.84 -23.81 19.77
N ARG A 80 -21.92 -24.80 18.89
CA ARG A 80 -22.69 -24.72 17.66
C ARG A 80 -24.14 -24.22 17.88
N THR A 81 -24.70 -23.52 16.88
CA THR A 81 -26.11 -23.09 16.91
C THR A 81 -26.97 -23.68 15.80
N ALA A 82 -26.40 -24.57 15.00
CA ALA A 82 -27.12 -25.17 13.87
C ALA A 82 -26.65 -26.59 13.63
N VAL A 83 -27.39 -27.32 12.80
CA VAL A 83 -27.18 -28.76 12.62
C VAL A 83 -26.19 -29.11 11.49
N SER A 84 -25.65 -28.09 10.82
CA SER A 84 -24.78 -28.28 9.65
C SER A 84 -23.66 -27.20 9.55
N GLU A 85 -22.65 -27.46 8.69
CA GLU A 85 -21.53 -26.53 8.43
C GLU A 85 -21.94 -25.07 8.21
N GLY A 86 -21.27 -24.13 8.86
CA GLY A 86 -21.29 -22.73 8.42
C GLY A 86 -22.16 -21.70 9.11
N PHE A 87 -22.65 -22.02 10.31
CA PHE A 87 -23.42 -21.02 11.07
C PHE A 87 -22.63 -20.44 12.24
N PRO A 88 -23.11 -19.32 12.81
CA PRO A 88 -22.48 -18.74 13.99
C PRO A 88 -22.39 -19.73 15.17
N HIS A 89 -21.34 -19.58 15.99
CA HIS A 89 -21.17 -20.41 17.18
C HIS A 89 -21.34 -19.56 18.44
N ALA A 90 -22.36 -19.88 19.24
CA ALA A 90 -22.72 -19.07 20.40
C ALA A 90 -21.72 -19.19 21.55
N PRO A 91 -21.46 -18.06 22.23
CA PRO A 91 -20.69 -18.04 23.47
C PRO A 91 -21.37 -18.86 24.57
N THR A 92 -20.66 -19.85 25.08
CA THR A 92 -21.19 -20.70 26.15
C THR A 92 -21.03 -20.06 27.53
N GLY A 93 -20.59 -18.81 27.57
CA GLY A 93 -20.44 -18.06 28.83
C GLY A 93 -20.47 -16.57 28.60
N ASP A 94 -19.58 -15.84 29.29
CA ASP A 94 -19.38 -14.42 29.05
C ASP A 94 -18.20 -14.29 28.07
N PRO A 95 -18.46 -13.80 26.84
CA PRO A 95 -17.46 -13.82 25.76
C PRO A 95 -16.20 -12.98 26.03
N MET A 96 -16.38 -11.90 26.80
CA MET A 96 -15.30 -11.03 27.23
C MET A 96 -14.32 -11.76 28.14
N LYS A 97 -14.89 -12.42 29.17
CA LYS A 97 -14.13 -13.21 30.12
C LYS A 97 -13.50 -14.41 29.44
N ASP A 98 -14.27 -15.05 28.56
CA ASP A 98 -13.86 -16.26 27.87
C ASP A 98 -12.86 -16.02 26.73
N GLY A 99 -12.81 -14.78 26.26
CA GLY A 99 -11.92 -14.39 25.18
C GLY A 99 -12.29 -15.02 23.85
N VAL A 100 -13.55 -14.90 23.46
CA VAL A 100 -14.02 -15.35 22.14
C VAL A 100 -14.59 -14.19 21.33
N GLY A 101 -14.76 -14.39 20.04
CA GLY A 101 -15.36 -13.39 19.16
C GLY A 101 -14.46 -12.19 18.95
N PRO A 102 -15.04 -10.98 18.98
CA PRO A 102 -14.15 -9.82 18.97
C PRO A 102 -13.26 -9.68 20.22
N ALA A 103 -13.58 -10.43 21.29
CA ALA A 103 -12.75 -10.46 22.50
C ALA A 103 -11.63 -11.52 22.45
N SER A 104 -11.53 -12.25 21.33
CA SER A 104 -10.53 -13.31 21.13
C SER A 104 -9.08 -12.86 21.37
N TRP A 105 -8.25 -13.79 21.82
CA TRP A 105 -6.81 -13.57 22.05
C TRP A 105 -6.02 -14.81 21.67
N VAL A 106 -4.78 -14.66 21.22
CA VAL A 106 -3.99 -15.83 20.85
C VAL A 106 -3.01 -16.18 21.96
N ALA A 107 -2.85 -17.47 22.23
CA ALA A 107 -1.84 -17.99 23.15
C ALA A 107 -0.43 -17.82 22.61
N ARG A 108 0.03 -16.58 22.59
CA ARG A 108 1.38 -16.24 22.20
C ARG A 108 2.30 -16.47 23.40
N ARG A 109 3.60 -16.23 23.21
CA ARG A 109 4.59 -16.44 24.26
C ARG A 109 4.33 -15.56 25.48
N ASP A 110 4.56 -16.15 26.65
CA ASP A 110 4.41 -15.45 27.91
C ASP A 110 5.76 -14.84 28.32
N LEU A 111 6.40 -14.19 27.35
CA LEU A 111 7.55 -13.30 27.58
C LEU A 111 7.36 -11.99 26.79
N PRO A 112 8.06 -10.92 27.17
CA PRO A 112 7.85 -9.66 26.46
C PRO A 112 8.70 -9.58 25.19
N GLU A 113 8.31 -8.74 24.23
CA GLU A 113 9.10 -8.57 23.01
C GLU A 113 10.38 -7.80 23.31
N LEU A 114 11.51 -8.28 22.78
CA LEU A 114 12.81 -7.66 23.09
C LEU A 114 13.33 -6.83 21.95
N ASP A 115 13.90 -5.66 22.26
CA ASP A 115 14.59 -4.85 21.24
C ASP A 115 15.82 -5.56 20.69
N GLY A 116 16.55 -4.88 19.81
CA GLY A 116 17.70 -5.50 19.14
C GLY A 116 18.85 -5.82 20.07
N HIS A 117 18.81 -5.23 21.26
CA HIS A 117 19.82 -5.43 22.29
C HIS A 117 19.37 -6.38 23.42
N GLY A 118 18.22 -7.02 23.25
CA GLY A 118 17.71 -7.95 24.24
C GLY A 118 17.03 -7.28 25.41
N HIS A 119 16.85 -5.97 25.34
CA HIS A 119 16.14 -5.27 26.38
C HIS A 119 14.68 -5.20 26.00
N ASN A 120 13.78 -5.43 26.95
CA ASN A 120 12.34 -5.21 26.75
C ASN A 120 11.96 -4.06 25.80
N LYS A 121 11.05 -4.32 24.85
CA LYS A 121 10.58 -3.32 23.91
C LYS A 121 9.71 -2.28 24.57
N ILE A 122 8.85 -2.72 25.47
CA ILE A 122 7.88 -1.81 26.07
C ILE A 122 8.10 -1.62 27.56
N LYS A 123 8.34 -0.38 27.94
CA LYS A 123 8.53 -0.02 29.33
C LYS A 123 7.54 1.06 29.70
N PRO A 124 7.12 1.09 30.97
CA PRO A 124 6.46 2.28 31.46
C PRO A 124 7.46 3.42 31.31
N MET A 125 6.99 4.63 31.05
CA MET A 125 7.91 5.72 30.70
C MET A 125 8.78 6.10 31.94
N LYS A 126 8.17 5.99 33.12
CA LYS A 126 8.91 6.28 34.35
C LYS A 126 10.21 5.48 34.49
N ALA A 127 10.24 4.26 33.97
CA ALA A 127 11.46 3.46 34.02
C ALA A 127 12.18 3.43 32.68
N ALA A 128 11.80 4.33 31.78
CA ALA A 128 12.46 4.42 30.48
C ALA A 128 13.37 5.64 30.46
N ALA A 129 14.67 5.37 30.36
CA ALA A 129 15.70 6.39 30.64
C ALA A 129 15.74 7.53 29.64
N GLY A 130 15.24 8.70 30.06
CA GLY A 130 15.33 9.93 29.26
C GLY A 130 14.17 10.16 28.29
N PHE A 131 13.12 9.35 28.45
CA PHE A 131 11.94 9.42 27.61
C PHE A 131 10.90 10.34 28.20
N HIS A 132 10.38 11.23 27.37
CA HIS A 132 9.38 12.22 27.79
C HIS A 132 8.37 12.49 26.66
N VAL A 133 7.19 12.97 27.03
CA VAL A 133 6.24 13.55 26.08
C VAL A 133 6.94 14.68 25.30
N SER A 134 6.74 14.72 23.98
CA SER A 134 7.40 15.74 23.17
C SER A 134 6.45 16.59 22.34
N ALA A 135 5.17 16.22 22.29
CA ALA A 135 4.21 16.97 21.49
C ALA A 135 2.80 16.52 21.83
N GLY A 136 1.83 17.42 21.62
CA GLY A 136 0.43 17.07 21.81
C GLY A 136 0.13 16.88 23.28
N LYS A 137 -1.15 16.89 23.65
CA LYS A 137 -1.57 16.82 25.05
C LYS A 137 -1.01 15.59 25.75
N ASN A 138 -0.18 15.85 26.77
CA ASN A 138 0.27 14.86 27.74
C ASN A 138 -0.95 14.30 28.50
N PRO A 139 -1.23 12.98 28.30
CA PRO A 139 -2.44 12.36 28.85
C PRO A 139 -2.31 12.04 30.35
N ILE A 140 -1.09 12.01 30.88
CA ILE A 140 -0.84 11.57 32.26
C ILE A 140 -1.60 12.43 33.25
N GLY A 141 -2.32 11.80 34.16
CA GLY A 141 -3.09 12.54 35.14
C GLY A 141 -4.49 12.90 34.72
N LEU A 142 -4.81 12.73 33.44
CA LEU A 142 -6.18 12.90 32.96
C LEU A 142 -7.12 11.81 33.50
N PRO A 143 -8.39 12.17 33.82
CA PRO A 143 -9.42 11.17 34.12
C PRO A 143 -9.76 10.34 32.86
N VAL A 144 -10.06 9.05 33.03
CA VAL A 144 -10.45 8.19 31.92
C VAL A 144 -11.94 7.90 32.02
N ARG A 145 -12.64 8.04 30.89
CA ARG A 145 -14.09 7.87 30.81
C ARG A 145 -14.50 6.73 29.89
N GLY A 146 -15.43 5.91 30.36
CA GLY A 146 -15.99 4.80 29.57
C GLY A 146 -17.14 5.27 28.70
N CYS A 147 -17.56 4.41 27.77
CA CYS A 147 -18.61 4.77 26.81
C CYS A 147 -19.94 5.08 27.48
N ASP A 148 -20.13 4.57 28.69
CA ASP A 148 -21.32 4.87 29.47
C ASP A 148 -21.29 6.29 30.06
N LEU A 149 -20.18 7.00 29.82
CA LEU A 149 -19.97 8.38 30.29
C LEU A 149 -19.74 8.52 31.79
N GLU A 150 -19.25 7.45 32.41
CA GLU A 150 -18.79 7.48 33.81
C GLU A 150 -17.27 7.46 33.85
N ILE A 151 -16.69 8.05 34.91
CA ILE A 151 -15.23 8.02 35.10
C ILE A 151 -14.78 6.63 35.54
N ALA A 152 -13.81 6.06 34.83
CA ALA A 152 -13.35 4.73 35.12
C ALA A 152 -11.96 4.71 35.76
N GLY A 153 -11.26 5.85 35.74
CA GLY A 153 -9.93 5.92 36.37
C GLY A 153 -9.07 7.12 36.03
N LYS A 154 -7.74 6.94 36.11
CA LYS A 154 -6.81 8.02 35.81
C LYS A 154 -5.52 7.55 35.19
N VAL A 155 -5.03 8.28 34.21
CA VAL A 155 -3.78 7.91 33.57
C VAL A 155 -2.65 8.17 34.56
N VAL A 156 -1.80 7.17 34.75
CA VAL A 156 -0.74 7.26 35.75
C VAL A 156 0.63 7.04 35.13
N ASP A 157 0.63 6.72 33.84
CA ASP A 157 1.87 6.64 33.09
C ASP A 157 1.54 6.32 31.63
N ILE A 158 2.56 6.39 30.79
CA ILE A 158 2.47 6.01 29.39
C ILE A 158 3.48 4.89 29.29
N TRP A 159 3.17 3.84 28.55
CA TRP A 159 4.14 2.80 28.31
C TRP A 159 4.60 2.96 26.90
N VAL A 160 5.90 3.16 26.72
CA VAL A 160 6.45 3.52 25.43
C VAL A 160 7.26 2.39 24.80
N ASP A 161 7.36 2.42 23.48
CA ASP A 161 8.16 1.47 22.71
C ASP A 161 9.51 2.17 22.62
N ILE A 162 10.57 1.54 23.10
CA ILE A 162 11.88 2.20 23.16
C ILE A 162 12.47 2.36 21.75
N PRO A 163 12.76 1.24 21.06
CA PRO A 163 13.46 1.39 19.78
C PRO A 163 12.72 2.19 18.72
N GLU A 164 11.41 2.26 18.86
CA GLU A 164 10.61 2.91 17.84
C GLU A 164 10.19 4.28 18.31
N GLN A 165 10.27 4.49 19.63
CA GLN A 165 9.90 5.76 20.30
C GLN A 165 8.45 6.14 20.01
N MET A 166 7.51 5.34 20.50
CA MET A 166 6.11 5.68 20.42
C MET A 166 5.28 5.15 21.57
N ALA A 167 4.22 5.87 21.89
CA ALA A 167 3.25 5.42 22.88
C ALA A 167 2.55 4.17 22.40
N ARG A 168 2.53 3.14 23.24
CA ARG A 168 1.78 1.92 22.93
C ARG A 168 0.64 1.65 23.92
N PHE A 169 0.78 2.14 25.16
CA PHE A 169 -0.25 1.98 26.21
C PHE A 169 -0.38 3.17 27.18
N LEU A 170 -1.59 3.35 27.69
CA LEU A 170 -1.83 4.20 28.86
C LEU A 170 -2.11 3.30 30.06
N GLU A 171 -1.24 3.38 31.07
CA GLU A 171 -1.51 2.68 32.33
C GLU A 171 -2.52 3.50 33.08
N VAL A 172 -3.64 2.86 33.46
CA VAL A 172 -4.75 3.56 34.10
C VAL A 172 -5.05 2.97 35.47
N GLU A 173 -5.17 3.83 36.48
CA GLU A 173 -5.48 3.39 37.83
C GLU A 173 -6.99 3.40 38.13
N LEU A 174 -7.48 2.31 38.69
CA LEU A 174 -8.91 2.15 38.96
C LEU A 174 -9.25 2.58 40.37
N LYS A 175 -10.54 2.47 40.72
CA LYS A 175 -11.04 2.88 42.04
C LYS A 175 -10.24 2.22 43.16
N ASP A 176 -9.96 0.93 42.98
CA ASP A 176 -9.31 0.09 44.00
C ASP A 176 -7.78 0.24 44.14
N GLY A 177 -7.16 1.03 43.26
CA GLY A 177 -5.74 1.33 43.37
C GLY A 177 -4.82 0.50 42.49
N SER A 178 -5.37 -0.56 41.88
CA SER A 178 -4.65 -1.32 40.85
C SER A 178 -4.75 -0.64 39.47
N THR A 179 -3.77 -0.90 38.60
CA THR A 179 -3.79 -0.32 37.27
C THR A 179 -4.01 -1.35 36.17
N ARG A 180 -4.59 -0.89 35.07
CA ARG A 180 -4.69 -1.69 33.85
C ARG A 180 -4.00 -0.98 32.69
N LEU A 181 -3.65 -1.74 31.65
CA LEU A 181 -3.14 -1.14 30.43
C LEU A 181 -4.27 -1.03 29.40
N LEU A 182 -4.32 0.11 28.73
CA LEU A 182 -5.23 0.34 27.62
C LEU A 182 -4.38 0.68 26.41
N PRO A 183 -4.66 0.05 25.24
CA PRO A 183 -3.97 0.32 23.96
C PRO A 183 -4.11 1.77 23.53
N MET A 184 -3.02 2.36 23.02
CA MET A 184 -3.07 3.77 22.62
C MET A 184 -4.09 3.95 21.52
N GLN A 185 -4.23 2.92 20.68
CA GLN A 185 -5.03 2.98 19.48
C GLN A 185 -6.52 2.92 19.76
N MET A 186 -6.89 2.74 21.02
CA MET A 186 -8.30 2.61 21.40
C MET A 186 -8.74 3.69 22.38
N VAL A 187 -7.93 4.74 22.49
CA VAL A 187 -8.26 5.85 23.36
C VAL A 187 -8.24 7.16 22.59
N LYS A 188 -9.07 8.11 23.00
CA LYS A 188 -9.02 9.41 22.40
C LYS A 188 -8.61 10.43 23.46
N VAL A 189 -7.42 11.01 23.29
CA VAL A 189 -6.89 11.97 24.25
C VAL A 189 -7.51 13.35 23.96
N GLN A 190 -8.31 13.84 24.91
CA GLN A 190 -8.95 15.14 24.81
C GLN A 190 -8.35 16.17 25.78
N SER A 191 -8.64 17.44 25.54
CA SER A 191 -8.07 18.56 26.29
C SER A 191 -8.34 18.57 27.81
N ASN A 192 -9.11 17.60 28.30
CA ASN A 192 -9.54 17.58 29.70
C ASN A 192 -9.90 16.19 30.22
N ARG A 193 -9.72 15.17 29.38
CA ARG A 193 -9.98 13.77 29.72
C ARG A 193 -9.44 12.83 28.62
N VAL A 194 -9.35 11.55 28.92
CA VAL A 194 -9.14 10.55 27.88
C VAL A 194 -10.42 9.75 27.75
N HIS A 195 -11.01 9.74 26.55
CA HIS A 195 -12.25 8.99 26.31
C HIS A 195 -12.00 7.61 25.68
N VAL A 196 -12.72 6.62 26.19
CA VAL A 196 -12.58 5.26 25.71
C VAL A 196 -13.93 4.70 25.34
N ASN A 197 -14.21 4.66 24.05
CA ASN A 197 -15.50 4.18 23.56
C ASN A 197 -15.73 2.67 23.66
N ALA A 198 -14.68 1.87 23.51
CA ALA A 198 -14.82 0.42 23.50
C ALA A 198 -15.40 -0.18 24.78
N LEU A 199 -15.14 0.46 25.92
CA LEU A 199 -15.58 -0.08 27.22
C LEU A 199 -16.44 0.88 27.99
N SER A 200 -17.32 0.34 28.82
CA SER A 200 -18.03 1.13 29.80
C SER A 200 -17.26 1.09 31.11
N SER A 201 -17.45 2.13 31.93
CA SER A 201 -16.76 2.27 33.20
C SER A 201 -16.69 0.95 33.98
N ASP A 202 -17.84 0.33 34.19
CA ASP A 202 -17.94 -0.95 34.91
C ASP A 202 -17.14 -2.16 34.35
N LEU A 203 -16.65 -2.08 33.11
CA LEU A 203 -15.94 -3.22 32.57
C LEU A 203 -14.42 -3.11 32.65
N PHE A 204 -13.94 -2.05 33.31
CA PHE A 204 -12.50 -1.80 33.34
C PHE A 204 -11.74 -2.79 34.21
N ALA A 205 -12.32 -3.17 35.35
CA ALA A 205 -11.67 -4.16 36.24
C ALA A 205 -11.47 -5.48 35.49
N GLY A 206 -12.46 -5.79 34.64
CA GLY A 206 -12.45 -6.95 33.76
C GLY A 206 -11.24 -7.05 32.86
N ILE A 207 -10.66 -5.92 32.46
CA ILE A 207 -9.40 -5.94 31.70
C ILE A 207 -8.36 -6.88 32.33
N PRO A 208 -7.81 -7.82 31.55
CA PRO A 208 -6.73 -8.68 32.02
C PRO A 208 -5.58 -7.91 32.61
N THR A 209 -5.02 -8.41 33.71
CA THR A 209 -3.96 -7.76 34.45
C THR A 209 -2.60 -8.34 34.06
N ILE A 210 -1.52 -7.58 34.29
CA ILE A 210 -0.18 -8.10 34.02
C ILE A 210 0.49 -8.49 35.32
N LYS A 211 1.31 -9.54 35.26
CA LYS A 211 1.87 -10.12 36.49
C LYS A 211 3.08 -9.37 37.01
N SER A 212 4.01 -9.04 36.13
CA SER A 212 5.11 -8.14 36.51
C SER A 212 4.70 -6.68 36.20
N PRO A 213 4.93 -5.73 37.14
CA PRO A 213 4.32 -4.40 36.96
C PRO A 213 5.19 -3.40 36.20
N THR A 214 6.30 -3.85 35.62
CA THR A 214 7.18 -2.97 34.86
C THR A 214 7.52 -3.59 33.50
N GLU A 215 6.81 -4.64 33.15
CA GLU A 215 6.94 -5.24 31.82
C GLU A 215 5.63 -5.92 31.43
N VAL A 216 5.49 -6.13 30.13
CA VAL A 216 4.31 -6.78 29.61
C VAL A 216 4.73 -7.83 28.59
N THR A 217 4.09 -9.01 28.68
CA THR A 217 4.38 -10.12 27.77
C THR A 217 3.45 -10.21 26.55
N LEU A 218 3.99 -10.72 25.45
CA LEU A 218 3.22 -10.92 24.22
C LEU A 218 1.82 -11.50 24.46
N LEU A 219 1.75 -12.53 25.32
CA LEU A 219 0.47 -13.13 25.67
C LEU A 219 -0.40 -12.15 26.43
N GLU A 220 0.20 -11.36 27.33
CA GLU A 220 -0.57 -10.36 28.09
C GLU A 220 -1.08 -9.21 27.21
N GLU A 221 -0.31 -8.87 26.18
CA GLU A 221 -0.74 -7.87 25.20
C GLU A 221 -1.99 -8.35 24.48
N ASP A 222 -1.94 -9.58 23.97
CA ASP A 222 -3.07 -10.15 23.26
C ASP A 222 -4.35 -10.22 24.10
N LYS A 223 -4.21 -10.71 25.32
CA LYS A 223 -5.34 -10.74 26.24
C LYS A 223 -5.89 -9.33 26.50
N ILE A 224 -4.99 -8.35 26.65
CA ILE A 224 -5.35 -6.95 26.95
C ILE A 224 -6.02 -6.29 25.73
N CYS A 225 -5.33 -6.35 24.59
CA CYS A 225 -5.83 -5.81 23.33
C CYS A 225 -7.16 -6.42 22.93
N GLY A 226 -7.24 -7.75 23.00
CA GLY A 226 -8.46 -8.50 22.71
C GLY A 226 -9.66 -8.04 23.53
N TYR A 227 -9.51 -8.09 24.85
CA TYR A 227 -10.57 -7.69 25.76
C TYR A 227 -11.22 -6.38 25.31
N VAL A 228 -10.38 -5.35 25.15
CA VAL A 228 -10.85 -3.99 24.89
C VAL A 228 -11.57 -3.89 23.55
N ALA A 229 -10.95 -4.42 22.49
CA ALA A 229 -11.57 -4.52 21.17
C ALA A 229 -12.96 -5.18 21.19
N GLY A 230 -13.08 -6.31 21.90
CA GLY A 230 -14.34 -7.01 22.05
C GLY A 230 -15.43 -6.16 22.70
N GLY A 231 -15.00 -5.13 23.42
CA GLY A 231 -15.92 -4.25 24.12
C GLY A 231 -16.81 -3.50 23.16
N LEU A 232 -16.33 -3.34 21.92
CA LEU A 232 -17.06 -2.62 20.90
C LEU A 232 -18.36 -3.33 20.58
N MET A 233 -18.32 -4.66 20.51
CA MET A 233 -19.54 -5.44 20.35
C MET A 233 -20.30 -5.64 21.67
N TYR A 234 -19.59 -6.09 22.70
CA TYR A 234 -20.25 -6.64 23.87
C TYR A 234 -20.72 -5.60 24.86
N ALA A 235 -20.05 -4.46 24.90
CA ALA A 235 -20.44 -3.38 25.80
C ALA A 235 -21.63 -2.56 25.27
N ALA A 236 -21.96 -2.72 23.99
CA ALA A 236 -23.04 -1.96 23.29
C ALA A 236 -24.38 -1.68 24.05
N PRO A 237 -24.85 -2.64 24.88
CA PRO A 237 -25.88 -2.36 25.89
C PRO A 237 -25.70 -1.03 26.69
N LYS A 238 -24.45 -0.60 26.90
CA LYS A 238 -24.14 0.57 27.77
C LYS A 238 -23.66 1.85 27.04
N ARG A 239 -23.24 1.71 25.77
CA ARG A 239 -22.84 2.83 24.92
C ARG A 239 -24.01 3.80 24.60
N LYS A 240 -23.73 5.10 24.57
CA LYS A 240 -24.76 6.16 24.46
C LYS A 240 -24.99 6.74 23.05
N SER A 241 -24.00 7.47 22.53
CA SER A 241 -23.99 8.06 21.15
C SER A 241 -22.83 9.07 20.96
N ALA B 1 -14.25 -26.37 5.67
CA ALA B 1 -13.32 -25.27 5.37
C ALA B 1 -13.25 -24.28 6.54
N LEU B 2 -12.26 -24.46 7.42
CA LEU B 2 -11.88 -23.43 8.41
C LEU B 2 -10.38 -23.40 8.59
N LEU B 3 -9.83 -22.19 8.69
CA LEU B 3 -8.45 -22.00 9.12
C LEU B 3 -8.33 -22.49 10.55
N SER B 4 -7.19 -23.08 10.91
CA SER B 4 -7.07 -23.72 12.22
C SER B 4 -7.42 -22.78 13.39
N PHE B 5 -7.16 -21.49 13.25
CA PHE B 5 -7.50 -20.55 14.30
C PHE B 5 -8.90 -19.91 14.19
N GLU B 6 -9.67 -20.34 13.20
CA GLU B 6 -10.85 -19.59 12.76
C GLU B 6 -12.08 -19.63 13.69
N ARG B 7 -12.36 -20.78 14.31
CA ARG B 7 -13.67 -20.95 14.99
C ARG B 7 -14.00 -19.89 16.05
N LYS B 8 -13.04 -19.58 16.91
CA LYS B 8 -13.25 -18.62 17.99
C LYS B 8 -13.80 -17.27 17.50
N TYR B 9 -13.48 -16.90 16.26
CA TYR B 9 -13.98 -15.65 15.71
C TYR B 9 -15.39 -15.76 15.09
N ARG B 10 -15.84 -16.97 14.76
CA ARG B 10 -17.14 -17.10 14.09
C ARG B 10 -18.36 -16.96 15.03
N VAL B 11 -18.40 -15.90 15.83
CA VAL B 11 -19.50 -15.66 16.75
C VAL B 11 -20.63 -14.93 16.03
N PRO B 12 -21.87 -14.98 16.57
CA PRO B 12 -22.97 -14.14 16.07
C PRO B 12 -22.75 -12.65 16.35
N GLY B 13 -23.35 -11.80 15.53
CA GLY B 13 -23.30 -10.34 15.76
C GLY B 13 -22.54 -9.56 14.70
N GLY B 14 -22.67 -8.24 14.73
CA GLY B 14 -21.92 -7.37 13.83
C GLY B 14 -22.76 -6.68 12.78
N THR B 15 -23.65 -7.47 12.16
CA THR B 15 -24.57 -7.07 11.08
C THR B 15 -25.19 -5.68 11.24
N LEU B 16 -25.40 -5.00 10.11
CA LEU B 16 -25.99 -3.66 10.11
C LEU B 16 -27.48 -3.69 9.81
N VAL B 17 -27.91 -4.69 9.05
CA VAL B 17 -29.28 -4.81 8.60
C VAL B 17 -29.67 -6.28 8.60
N GLY B 18 -30.88 -6.57 9.04
CA GLY B 18 -31.45 -7.90 8.91
C GLY B 18 -31.42 -8.78 10.14
N GLY B 19 -30.98 -8.21 11.27
CA GLY B 19 -30.74 -8.99 12.48
C GLY B 19 -29.75 -10.10 12.20
N ASN B 20 -30.18 -11.35 12.41
CA ASN B 20 -29.30 -12.51 12.21
C ASN B 20 -29.68 -13.36 11.00
N LEU B 21 -30.54 -12.84 10.14
CA LEU B 21 -31.10 -13.60 9.01
C LEU B 21 -30.06 -14.16 8.06
N PHE B 22 -29.16 -13.29 7.61
CA PHE B 22 -28.12 -13.67 6.67
C PHE B 22 -26.75 -13.70 7.37
N ASP B 23 -26.79 -13.87 8.69
CA ASP B 23 -25.61 -13.96 9.52
C ASP B 23 -25.08 -15.40 9.50
N PHE B 24 -24.40 -15.77 8.42
CA PHE B 24 -23.79 -17.09 8.29
C PHE B 24 -22.77 -17.09 7.15
N TRP B 25 -22.03 -18.20 7.01
CA TRP B 25 -21.01 -18.34 5.98
C TRP B 25 -21.35 -19.40 4.92
N VAL B 26 -20.70 -19.31 3.76
CA VAL B 26 -20.74 -20.35 2.72
C VAL B 26 -19.30 -20.62 2.32
N GLY B 27 -18.76 -21.78 2.70
CA GLY B 27 -17.34 -22.03 2.53
C GLY B 27 -16.59 -20.95 3.29
N PRO B 28 -15.54 -20.37 2.69
CA PRO B 28 -14.82 -19.30 3.38
C PRO B 28 -15.56 -17.98 3.46
N PHE B 29 -16.57 -17.79 2.60
CA PHE B 29 -17.18 -16.47 2.42
C PHE B 29 -18.17 -16.17 3.51
N TYR B 30 -18.09 -14.97 4.03
CA TYR B 30 -19.11 -14.50 4.92
C TYR B 30 -20.24 -13.99 4.02
N VAL B 31 -21.49 -14.12 4.46
CA VAL B 31 -22.61 -13.62 3.67
C VAL B 31 -23.05 -12.21 4.08
N GLY B 32 -24.01 -12.11 4.98
CA GLY B 32 -24.59 -10.82 5.35
C GLY B 32 -25.67 -10.42 4.36
N PHE B 33 -26.51 -9.46 4.76
CA PHE B 33 -27.54 -8.92 3.89
C PHE B 33 -26.86 -8.42 2.64
N PHE B 34 -25.76 -7.72 2.83
CA PHE B 34 -24.95 -7.17 1.75
C PHE B 34 -24.15 -8.24 0.99
N GLY B 35 -24.12 -9.47 1.49
CA GLY B 35 -23.66 -10.57 0.67
C GLY B 35 -24.73 -10.86 -0.37
N VAL B 36 -25.98 -10.89 0.09
CA VAL B 36 -27.13 -11.15 -0.79
C VAL B 36 -27.29 -9.98 -1.75
N ALA B 37 -27.36 -8.76 -1.21
CA ALA B 37 -27.39 -7.55 -2.03
C ALA B 37 -26.37 -7.68 -3.14
N THR B 38 -25.10 -7.93 -2.77
CA THR B 38 -24.03 -8.11 -3.76
C THR B 38 -24.36 -9.16 -4.83
N PHE B 39 -24.61 -10.39 -4.42
CA PHE B 39 -24.87 -11.47 -5.40
C PHE B 39 -25.97 -11.11 -6.40
N PHE B 40 -27.06 -10.53 -5.91
CA PHE B 40 -28.16 -10.06 -6.75
C PHE B 40 -27.62 -9.07 -7.78
N PHE B 41 -27.17 -7.90 -7.31
CA PHE B 41 -26.64 -6.84 -8.18
C PHE B 41 -25.59 -7.39 -9.14
N ALA B 42 -24.78 -8.33 -8.67
CA ALA B 42 -23.71 -8.88 -9.48
C ALA B 42 -24.26 -9.79 -10.54
N ALA B 43 -25.16 -10.70 -10.19
CA ALA B 43 -25.72 -11.66 -11.15
C ALA B 43 -26.55 -10.97 -12.23
N LEU B 44 -27.47 -10.10 -11.82
CA LEU B 44 -28.29 -9.34 -12.76
C LEU B 44 -27.44 -8.56 -13.74
N GLY B 45 -26.38 -7.92 -13.24
CA GLY B 45 -25.40 -7.24 -14.07
C GLY B 45 -24.73 -8.13 -15.11
N ILE B 46 -24.18 -9.27 -14.68
CA ILE B 46 -23.49 -10.19 -15.60
C ILE B 46 -24.49 -10.79 -16.58
N ILE B 47 -25.74 -10.95 -16.12
CA ILE B 47 -26.84 -11.42 -16.97
C ILE B 47 -27.18 -10.42 -18.09
N LEU B 48 -27.36 -9.15 -17.75
CA LEU B 48 -27.57 -8.13 -18.78
C LEU B 48 -26.39 -8.03 -19.74
N ILE B 49 -25.17 -8.12 -19.21
CA ILE B 49 -23.95 -8.08 -20.03
C ILE B 49 -23.86 -9.28 -20.98
N ALA B 50 -24.19 -10.48 -20.50
CA ALA B 50 -24.23 -11.69 -21.34
C ALA B 50 -25.28 -11.57 -22.47
N TRP B 51 -26.35 -10.83 -22.16
CA TRP B 51 -27.43 -10.57 -23.09
C TRP B 51 -27.05 -9.47 -24.10
N SER B 52 -26.61 -8.30 -23.61
CA SER B 52 -26.04 -7.25 -24.46
C SER B 52 -25.01 -7.83 -25.43
N ALA B 53 -24.40 -8.94 -25.03
CA ALA B 53 -23.44 -9.66 -25.86
C ALA B 53 -24.10 -10.37 -27.02
N VAL B 54 -25.38 -10.73 -26.89
CA VAL B 54 -26.12 -11.40 -27.99
C VAL B 54 -26.91 -10.41 -28.89
N LEU B 55 -27.44 -9.35 -28.29
CA LEU B 55 -27.99 -8.21 -29.05
C LEU B 55 -26.92 -7.48 -29.87
N GLN B 56 -25.66 -7.70 -29.51
CA GLN B 56 -24.49 -7.21 -30.24
C GLN B 56 -23.94 -8.34 -31.13
N GLY B 57 -24.42 -9.57 -30.90
CA GLY B 57 -24.09 -10.73 -31.71
C GLY B 57 -22.66 -11.22 -31.59
N THR B 58 -22.15 -11.30 -30.36
CA THR B 58 -20.79 -11.83 -30.12
C THR B 58 -20.61 -12.51 -28.76
N TRP B 59 -19.80 -13.58 -28.76
CA TRP B 59 -19.51 -14.37 -27.56
C TRP B 59 -18.01 -14.49 -27.32
N ASN B 60 -17.33 -13.35 -27.47
CA ASN B 60 -15.90 -13.26 -27.22
C ASN B 60 -15.62 -12.14 -26.22
N PRO B 61 -14.89 -12.45 -25.13
CA PRO B 61 -14.61 -11.45 -24.07
C PRO B 61 -13.81 -10.24 -24.57
N GLN B 62 -12.96 -10.45 -25.58
CA GLN B 62 -12.14 -9.40 -26.17
C GLN B 62 -12.92 -8.48 -27.12
N LEU B 63 -14.21 -8.77 -27.33
CA LEU B 63 -15.04 -8.03 -28.28
C LEU B 63 -16.31 -7.46 -27.65
N ILE B 64 -16.85 -8.16 -26.65
CA ILE B 64 -18.06 -7.71 -25.95
C ILE B 64 -17.85 -6.28 -25.45
N SER B 65 -18.85 -5.44 -25.61
CA SER B 65 -18.71 -4.06 -25.23
C SER B 65 -20.07 -3.40 -25.09
N VAL B 66 -20.32 -2.81 -23.93
CA VAL B 66 -21.63 -2.20 -23.66
C VAL B 66 -21.50 -0.67 -23.63
N TYR B 67 -21.86 -0.01 -24.72
CA TYR B 67 -21.64 1.43 -24.82
C TYR B 67 -22.77 2.20 -24.18
N PRO B 68 -22.42 3.36 -23.60
CA PRO B 68 -23.42 4.27 -23.10
C PRO B 68 -24.34 4.77 -24.23
N PRO B 69 -25.53 5.31 -23.87
CA PRO B 69 -26.33 6.06 -24.84
C PRO B 69 -25.53 7.21 -25.46
N ALA B 70 -25.58 7.32 -26.80
CA ALA B 70 -24.87 8.38 -27.52
C ALA B 70 -25.30 9.80 -27.06
N LEU B 71 -24.45 10.79 -27.34
CA LEU B 71 -24.62 12.16 -26.82
C LEU B 71 -26.03 12.76 -27.02
N GLU B 72 -26.76 12.22 -28.00
CA GLU B 72 -28.13 12.65 -28.33
C GLU B 72 -29.06 12.51 -27.11
N TYR B 73 -29.21 11.27 -26.61
CA TYR B 73 -30.20 10.93 -25.57
C TYR B 73 -30.08 11.76 -24.29
N GLY B 74 -29.02 12.57 -24.19
CA GLY B 74 -28.83 13.53 -23.10
C GLY B 74 -28.54 12.90 -21.76
N LEU B 75 -29.30 13.33 -20.75
CA LEU B 75 -29.26 12.68 -19.44
C LEU B 75 -30.55 11.90 -19.20
N GLY B 76 -31.18 11.48 -20.30
CA GLY B 76 -32.42 10.70 -20.22
C GLY B 76 -32.09 9.24 -20.41
N GLY B 77 -33.13 8.40 -20.38
CA GLY B 77 -32.99 6.96 -20.62
C GLY B 77 -32.79 6.62 -22.09
N ALA B 78 -32.69 5.34 -22.41
CA ALA B 78 -32.55 4.93 -23.79
C ALA B 78 -33.09 3.52 -24.01
N PRO B 79 -33.68 3.26 -25.20
CA PRO B 79 -33.99 1.87 -25.59
C PRO B 79 -32.76 0.99 -25.44
N LEU B 80 -32.99 -0.22 -24.93
CA LEU B 80 -31.93 -1.07 -24.41
C LEU B 80 -30.72 -1.16 -25.36
N ALA B 81 -30.87 -1.91 -26.45
CA ALA B 81 -29.75 -2.30 -27.31
C ALA B 81 -28.85 -1.15 -27.83
N LYS B 82 -29.33 0.09 -27.76
CA LYS B 82 -28.48 1.25 -28.06
C LYS B 82 -28.49 2.25 -26.91
N GLY B 83 -28.18 1.74 -25.72
CA GLY B 83 -27.96 2.59 -24.55
C GLY B 83 -28.35 1.99 -23.22
N GLY B 84 -29.66 1.94 -22.96
CA GLY B 84 -30.25 1.51 -21.70
C GLY B 84 -29.56 0.38 -20.96
N LEU B 85 -29.10 -0.63 -21.69
CA LEU B 85 -28.37 -1.74 -21.08
C LEU B 85 -27.18 -1.24 -20.27
N TRP B 86 -26.41 -0.31 -20.83
CA TRP B 86 -25.30 0.31 -20.09
C TRP B 86 -25.81 0.91 -18.80
N GLN B 87 -26.80 1.79 -18.91
CA GLN B 87 -27.38 2.46 -17.75
C GLN B 87 -27.80 1.51 -16.62
N ILE B 88 -28.54 0.47 -16.98
CA ILE B 88 -28.97 -0.52 -15.98
C ILE B 88 -27.77 -1.27 -15.36
N ILE B 89 -26.86 -1.75 -16.20
CA ILE B 89 -25.61 -2.37 -15.74
C ILE B 89 -24.82 -1.42 -14.82
N THR B 90 -24.66 -0.17 -15.22
CA THR B 90 -24.03 0.84 -14.38
C THR B 90 -24.71 0.97 -13.02
N ILE B 91 -26.05 1.00 -13.01
CA ILE B 91 -26.78 0.92 -11.74
C ILE B 91 -26.35 -0.35 -10.98
N CYS B 92 -26.45 -1.50 -11.66
CA CYS B 92 -26.04 -2.77 -11.07
C CYS B 92 -24.64 -2.76 -10.45
N ALA B 93 -23.68 -2.16 -11.15
CA ALA B 93 -22.28 -2.15 -10.70
C ALA B 93 -22.05 -1.31 -9.44
N THR B 94 -22.67 -0.13 -9.40
CA THR B 94 -22.73 0.71 -8.19
C THR B 94 -23.41 -0.05 -7.05
N GLY B 95 -24.51 -0.74 -7.35
CA GLY B 95 -25.15 -1.61 -6.36
C GLY B 95 -24.11 -2.55 -5.82
N ALA B 96 -23.47 -3.28 -6.75
CA ALA B 96 -22.53 -4.34 -6.41
C ALA B 96 -21.36 -3.85 -5.56
N PHE B 97 -20.85 -2.67 -5.86
CA PHE B 97 -19.68 -2.13 -5.14
C PHE B 97 -20.03 -1.65 -3.76
N VAL B 98 -20.96 -0.70 -3.68
CA VAL B 98 -21.51 -0.22 -2.40
C VAL B 98 -21.89 -1.39 -1.49
N SER B 99 -22.67 -2.35 -2.00
CA SER B 99 -22.92 -3.59 -1.25
C SER B 99 -21.62 -4.22 -0.70
N TRP B 100 -20.69 -4.56 -1.60
CA TRP B 100 -19.36 -5.09 -1.19
C TRP B 100 -18.73 -4.28 -0.04
N ALA B 101 -18.69 -2.97 -0.19
CA ALA B 101 -18.18 -2.14 0.87
C ALA B 101 -18.97 -2.41 2.15
N LEU B 102 -20.29 -2.24 2.11
CA LEU B 102 -21.08 -2.35 3.33
C LEU B 102 -20.91 -3.73 3.97
N ARG B 103 -20.80 -4.76 3.13
CA ARG B 103 -20.47 -6.12 3.57
C ARG B 103 -19.16 -6.13 4.35
N GLU B 104 -18.17 -5.38 3.90
CA GLU B 104 -16.89 -5.35 4.60
C GLU B 104 -17.00 -4.66 5.97
N VAL B 105 -17.79 -3.59 6.03
CA VAL B 105 -18.12 -2.95 7.30
C VAL B 105 -18.75 -3.97 8.26
N GLU B 106 -19.54 -4.90 7.72
CA GLU B 106 -20.10 -5.95 8.58
C GLU B 106 -19.03 -6.92 9.10
N ILE B 107 -18.14 -7.38 8.22
CA ILE B 107 -17.02 -8.26 8.58
C ILE B 107 -16.12 -7.59 9.62
N CYS B 108 -15.85 -6.31 9.40
CA CYS B 108 -15.15 -5.49 10.36
C CYS B 108 -15.78 -5.57 11.73
N ARG B 109 -17.08 -5.33 11.80
CA ARG B 109 -17.75 -5.30 13.08
C ARG B 109 -17.65 -6.64 13.83
N LYS B 110 -17.90 -7.73 13.14
CA LYS B 110 -17.79 -9.04 13.79
C LYS B 110 -16.34 -9.33 14.29
N LEU B 111 -15.34 -8.71 13.67
CA LEU B 111 -13.95 -9.02 13.99
C LEU B 111 -13.29 -8.08 15.01
N GLY B 112 -14.05 -7.11 15.52
CA GLY B 112 -13.53 -6.08 16.41
C GLY B 112 -12.42 -5.21 15.83
N ILE B 113 -12.28 -5.21 14.50
CA ILE B 113 -11.27 -4.35 13.86
C ILE B 113 -11.88 -3.03 13.41
N GLY B 114 -11.03 -2.13 12.92
CA GLY B 114 -11.47 -0.80 12.47
C GLY B 114 -11.86 -0.79 11.01
N TYR B 115 -12.43 0.34 10.56
CA TYR B 115 -13.07 0.45 9.24
C TYR B 115 -12.15 0.82 8.03
N HIS B 116 -10.85 0.74 8.23
CA HIS B 116 -9.89 1.32 7.29
C HIS B 116 -9.94 0.72 5.91
N ILE B 117 -10.22 -0.58 5.82
CA ILE B 117 -10.34 -1.26 4.52
C ILE B 117 -11.53 -0.74 3.67
N PRO B 118 -12.78 -0.90 4.14
CA PRO B 118 -13.88 -0.37 3.34
C PRO B 118 -13.88 1.15 3.21
N PHE B 119 -13.16 1.84 4.08
CA PHE B 119 -13.00 3.27 3.89
C PHE B 119 -12.13 3.52 2.65
N ALA B 120 -11.02 2.77 2.54
CA ALA B 120 -10.15 2.86 1.39
C ALA B 120 -10.88 2.48 0.12
N PHE B 121 -11.67 1.42 0.17
CA PHE B 121 -12.41 0.97 -1.00
C PHE B 121 -13.26 2.10 -1.52
N ALA B 122 -13.96 2.77 -0.62
CA ALA B 122 -14.82 3.90 -0.98
C ALA B 122 -14.13 4.95 -1.86
N PHE B 123 -12.80 5.00 -1.81
CA PHE B 123 -12.08 5.90 -2.70
C PHE B 123 -12.04 5.37 -4.13
N ALA B 124 -12.00 4.05 -4.30
CA ALA B 124 -12.05 3.48 -5.64
C ALA B 124 -13.45 3.59 -6.21
N ILE B 125 -14.44 3.23 -5.41
CA ILE B 125 -15.83 3.41 -5.78
C ILE B 125 -16.07 4.85 -6.28
N LEU B 126 -15.65 5.85 -5.50
CA LEU B 126 -15.82 7.23 -5.92
C LEU B 126 -15.11 7.57 -7.25
N ALA B 127 -14.00 6.87 -7.55
CA ALA B 127 -13.26 7.12 -8.79
C ALA B 127 -14.09 6.64 -9.97
N TYR B 128 -14.50 5.38 -9.91
CA TYR B 128 -15.48 4.83 -10.84
C TYR B 128 -16.60 5.83 -11.06
N LEU B 129 -17.40 6.08 -10.03
CA LEU B 129 -18.54 6.98 -10.13
C LEU B 129 -18.20 8.34 -10.79
N THR B 130 -17.14 8.99 -10.33
CA THR B 130 -16.64 10.18 -11.03
C THR B 130 -16.69 9.98 -12.56
N LEU B 131 -16.01 8.96 -13.09
CA LEU B 131 -16.00 8.69 -14.52
C LEU B 131 -17.36 8.31 -15.16
N VAL B 132 -18.28 7.71 -14.41
CA VAL B 132 -19.51 7.20 -15.05
C VAL B 132 -20.78 7.91 -14.62
N LEU B 133 -20.69 8.81 -13.65
CA LEU B 133 -21.86 9.49 -13.10
C LEU B 133 -21.58 10.95 -12.87
N PHE B 134 -20.59 11.27 -12.04
CA PHE B 134 -20.35 12.69 -11.75
C PHE B 134 -19.84 13.51 -12.92
N ARG B 135 -18.94 12.96 -13.73
CA ARG B 135 -18.47 13.67 -14.91
C ARG B 135 -19.58 13.84 -15.94
N PRO B 136 -20.25 12.72 -16.36
CA PRO B 136 -21.32 12.85 -17.34
C PRO B 136 -22.42 13.83 -16.91
N VAL B 137 -23.00 13.63 -15.72
CA VAL B 137 -24.08 14.49 -15.22
C VAL B 137 -23.70 15.99 -15.25
N MET B 138 -22.45 16.29 -14.93
CA MET B 138 -21.97 17.67 -14.97
C MET B 138 -21.81 18.17 -16.40
N MET B 139 -21.52 17.25 -17.30
CA MET B 139 -21.25 17.56 -18.69
C MET B 139 -22.52 17.56 -19.53
N GLY B 140 -23.53 16.83 -19.08
CA GLY B 140 -24.80 16.77 -19.77
C GLY B 140 -25.17 15.49 -20.51
N ALA B 141 -24.32 14.45 -20.48
CA ALA B 141 -24.69 13.16 -21.13
C ALA B 141 -23.95 11.90 -20.71
N TRP B 142 -24.72 10.83 -20.55
CA TRP B 142 -24.17 9.49 -20.28
C TRP B 142 -23.16 9.06 -21.35
N GLY B 143 -23.21 9.70 -22.51
CA GLY B 143 -22.27 9.39 -23.60
C GLY B 143 -20.80 9.70 -23.36
N TYR B 144 -20.50 10.66 -22.48
CA TYR B 144 -19.10 11.03 -22.18
C TYR B 144 -18.38 9.98 -21.32
N ALA B 145 -19.17 9.14 -20.66
CA ALA B 145 -18.68 8.05 -19.84
C ALA B 145 -18.07 6.89 -20.66
N PHE B 146 -17.26 6.04 -20.01
CA PHE B 146 -16.55 4.98 -20.70
C PHE B 146 -17.39 3.72 -20.90
N PRO B 147 -17.16 3.01 -22.02
CA PRO B 147 -17.90 1.81 -22.35
C PRO B 147 -17.33 0.59 -21.63
N TYR B 148 -18.13 -0.46 -21.49
CA TYR B 148 -17.68 -1.60 -20.74
C TYR B 148 -17.19 -2.69 -21.66
N GLY B 149 -15.90 -2.63 -21.99
CA GLY B 149 -15.23 -3.67 -22.77
C GLY B 149 -13.74 -3.59 -22.58
N ILE B 150 -13.06 -4.74 -22.66
CA ILE B 150 -11.62 -4.86 -22.38
C ILE B 150 -10.80 -3.84 -23.15
N TRP B 151 -10.87 -3.88 -24.49
CA TRP B 151 -10.03 -3.02 -25.32
C TRP B 151 -10.73 -1.73 -25.72
N THR B 152 -12.06 -1.75 -25.64
CA THR B 152 -12.83 -0.60 -26.07
C THR B 152 -12.77 0.52 -25.05
N HIS B 153 -12.60 0.18 -23.78
CA HIS B 153 -12.53 1.23 -22.77
C HIS B 153 -11.16 1.95 -22.83
N LEU B 154 -10.12 1.24 -23.30
CA LEU B 154 -8.82 1.85 -23.55
C LEU B 154 -8.90 2.83 -24.69
N ASP B 155 -9.74 2.52 -25.68
CA ASP B 155 -10.02 3.46 -26.76
C ASP B 155 -10.58 4.77 -26.21
N TRP B 156 -11.60 4.65 -25.36
CA TRP B 156 -12.20 5.82 -24.70
C TRP B 156 -11.17 6.66 -23.92
N VAL B 157 -10.19 5.97 -23.32
CA VAL B 157 -9.18 6.67 -22.57
C VAL B 157 -8.36 7.49 -23.55
N SER B 158 -7.84 6.83 -24.59
CA SER B 158 -7.02 7.49 -25.59
C SER B 158 -7.75 8.62 -26.32
N ASN B 159 -9.04 8.42 -26.58
CA ASN B 159 -9.86 9.42 -27.27
C ASN B 159 -10.21 10.61 -26.37
N THR B 160 -10.59 10.34 -25.13
CA THR B 160 -10.81 11.40 -24.14
C THR B 160 -9.49 12.15 -23.88
N GLY B 161 -8.41 11.41 -23.69
CA GLY B 161 -7.14 12.03 -23.41
C GLY B 161 -6.83 13.06 -24.48
N TYR B 162 -6.78 12.59 -25.73
CA TYR B 162 -6.26 13.38 -26.85
C TYR B 162 -7.16 14.53 -27.26
N THR B 163 -8.41 14.50 -26.80
CA THR B 163 -9.34 15.62 -26.93
C THR B 163 -8.81 16.91 -26.31
N TYR B 164 -7.87 16.80 -25.37
CA TYR B 164 -7.30 17.97 -24.73
C TYR B 164 -5.79 18.07 -24.95
N GLY B 165 -5.33 17.42 -26.00
CA GLY B 165 -3.93 17.48 -26.40
C GLY B 165 -3.18 16.30 -25.79
N ASN B 166 -1.92 16.54 -25.46
CA ASN B 166 -1.20 15.62 -24.60
C ASN B 166 -1.67 15.80 -23.15
N PHE B 167 -2.28 14.75 -22.60
CA PHE B 167 -2.98 14.82 -21.32
C PHE B 167 -2.06 15.02 -20.12
N HIS B 168 -0.80 14.59 -20.27
CA HIS B 168 0.27 14.89 -19.32
C HIS B 168 0.13 16.26 -18.70
N TYR B 169 -0.32 17.21 -19.51
CA TYR B 169 -0.27 18.61 -19.12
C TYR B 169 -1.34 18.99 -18.10
N ASN B 170 -2.31 18.11 -17.90
CA ASN B 170 -3.26 18.28 -16.82
C ASN B 170 -2.50 18.32 -15.48
N PRO B 171 -2.55 19.45 -14.75
CA PRO B 171 -1.72 19.53 -13.52
C PRO B 171 -2.17 18.57 -12.42
N ALA B 172 -3.49 18.39 -12.24
CA ALA B 172 -4.02 17.45 -11.24
C ALA B 172 -3.69 15.99 -11.58
N HIS B 173 -3.68 15.67 -12.87
CA HIS B 173 -3.20 14.40 -13.40
C HIS B 173 -1.72 14.26 -13.12
N MET B 174 -0.98 15.35 -13.24
CA MET B 174 0.44 15.37 -12.89
C MET B 174 0.71 14.96 -11.47
N ILE B 175 -0.08 15.51 -10.55
CA ILE B 175 0.01 15.17 -9.13
C ILE B 175 -0.38 13.72 -8.90
N ALA B 176 -1.59 13.34 -9.28
CA ALA B 176 -2.03 11.94 -9.18
C ALA B 176 -0.95 10.97 -9.67
N HIS B 177 -0.27 11.31 -10.73
CA HIS B 177 0.71 10.41 -11.27
C HIS B 177 1.80 10.24 -10.29
N THR B 178 2.36 11.33 -9.88
CA THR B 178 3.43 11.28 -8.89
C THR B 178 3.11 10.29 -7.75
N PHE B 179 1.90 10.40 -7.22
CA PHE B 179 1.43 9.49 -6.18
C PHE B 179 1.39 8.01 -6.60
N PHE B 180 1.03 7.70 -7.84
CA PHE B 180 1.07 6.29 -8.28
C PHE B 180 2.49 5.73 -8.31
N PHE B 181 3.44 6.54 -8.74
CA PHE B 181 4.81 6.10 -8.84
C PHE B 181 5.47 6.02 -7.46
N THR B 182 5.08 6.91 -6.57
CA THR B 182 5.62 6.92 -5.22
C THR B 182 5.11 5.71 -4.46
N ASN B 183 3.81 5.46 -4.58
CA ASN B 183 3.15 4.38 -3.87
C ASN B 183 3.77 3.05 -4.25
N ALA B 184 4.17 2.92 -5.51
CA ALA B 184 4.79 1.70 -5.98
C ALA B 184 6.21 1.57 -5.41
N LEU B 185 6.98 2.67 -5.47
CA LEU B 185 8.29 2.74 -4.81
C LEU B 185 8.22 2.35 -3.33
N ALA B 186 7.26 2.92 -2.60
CA ALA B 186 7.04 2.59 -1.20
C ALA B 186 6.66 1.12 -1.02
N LEU B 187 5.82 0.61 -1.92
CA LEU B 187 5.47 -0.81 -1.89
C LEU B 187 6.70 -1.67 -2.08
N ALA B 188 7.48 -1.38 -3.12
CA ALA B 188 8.67 -2.15 -3.42
C ALA B 188 9.58 -2.15 -2.22
N LEU B 189 9.86 -0.96 -1.69
CA LEU B 189 10.73 -0.82 -0.52
C LEU B 189 10.17 -1.55 0.68
N HIS B 190 8.93 -1.24 1.09
CA HIS B 190 8.35 -1.83 2.30
C HIS B 190 8.44 -3.34 2.30
N GLY B 191 8.05 -3.93 1.19
CA GLY B 191 8.05 -5.36 1.06
C GLY B 191 9.45 -5.89 1.22
N ALA B 192 10.42 -5.19 0.65
CA ALA B 192 11.79 -5.67 0.67
C ALA B 192 12.35 -5.59 2.10
N LEU B 193 12.17 -4.45 2.77
CA LEU B 193 12.65 -4.29 4.15
C LEU B 193 12.18 -5.41 5.10
N VAL B 194 10.87 -5.61 5.22
CA VAL B 194 10.34 -6.68 6.04
C VAL B 194 10.93 -8.05 5.65
N LEU B 195 10.96 -8.38 4.36
CA LEU B 195 11.50 -9.68 3.98
C LEU B 195 13.00 -9.81 4.25
N SER B 196 13.73 -8.72 4.03
CA SER B 196 15.16 -8.70 4.30
C SER B 196 15.43 -8.86 5.80
N ALA B 197 14.47 -8.44 6.62
CA ALA B 197 14.58 -8.65 8.06
C ALA B 197 14.22 -10.08 8.47
N ALA B 198 13.09 -10.60 7.99
CA ALA B 198 12.66 -11.96 8.36
C ALA B 198 13.53 -13.07 7.75
N ASN B 199 14.15 -12.76 6.61
CA ASN B 199 14.91 -13.77 5.84
C ASN B 199 16.36 -13.34 5.63
N PRO B 200 17.19 -13.37 6.70
CA PRO B 200 18.54 -12.81 6.68
C PRO B 200 19.54 -13.74 6.01
N GLU B 201 20.82 -13.39 6.04
CA GLU B 201 21.89 -14.20 5.43
C GLU B 201 21.89 -15.60 6.04
N LYS B 202 22.14 -16.63 5.23
CA LYS B 202 22.02 -18.04 5.70
C LYS B 202 22.69 -18.30 7.04
N GLY B 203 21.95 -18.89 7.97
CA GLY B 203 22.45 -19.19 9.31
C GLY B 203 22.23 -18.13 10.38
N LYS B 204 22.00 -16.87 9.99
CA LYS B 204 21.79 -15.76 10.94
C LYS B 204 20.40 -15.72 11.61
N GLU B 205 20.32 -14.97 12.71
CA GLU B 205 19.06 -14.80 13.43
C GLU B 205 18.15 -13.82 12.68
N MET B 206 16.83 -13.98 12.82
CA MET B 206 15.86 -12.97 12.37
C MET B 206 16.28 -11.60 12.90
N ARG B 207 16.33 -10.60 12.02
CA ARG B 207 16.61 -9.22 12.43
C ARG B 207 15.39 -8.61 13.05
N THR B 208 15.53 -7.39 13.55
CA THR B 208 14.46 -6.74 14.28
C THR B 208 14.06 -5.42 13.60
N PRO B 209 12.95 -4.80 14.04
CA PRO B 209 12.60 -3.47 13.57
C PRO B 209 13.74 -2.46 13.68
N ASP B 210 14.64 -2.67 14.65
CA ASP B 210 15.76 -1.77 14.84
C ASP B 210 16.72 -1.91 13.66
N HIS B 211 16.89 -3.13 13.17
CA HIS B 211 17.69 -3.36 11.97
C HIS B 211 17.04 -2.75 10.73
N GLU B 212 15.71 -2.70 10.72
CA GLU B 212 14.96 -2.06 9.65
C GLU B 212 15.20 -0.55 9.71
N ASP B 213 14.92 0.06 10.86
CA ASP B 213 15.18 1.48 11.12
C ASP B 213 16.63 1.86 10.80
N THR B 214 17.57 0.99 11.16
CA THR B 214 18.98 1.25 10.93
C THR B 214 19.35 1.20 9.48
N PHE B 215 18.92 0.14 8.78
CA PHE B 215 19.20 -0.01 7.35
C PHE B 215 18.82 1.23 6.56
N PHE B 216 17.66 1.80 6.88
CA PHE B 216 17.22 2.96 6.12
C PHE B 216 17.99 4.19 6.48
N ARG B 217 18.06 4.48 7.78
CA ARG B 217 18.88 5.58 8.29
C ARG B 217 20.30 5.49 7.68
N ASP B 218 20.90 4.32 7.68
CA ASP B 218 22.14 4.17 6.94
C ASP B 218 21.97 4.68 5.52
N LEU B 219 20.98 4.12 4.81
CA LEU B 219 20.84 4.33 3.38
C LEU B 219 20.52 5.76 3.00
N VAL B 220 19.48 6.33 3.58
CA VAL B 220 18.99 7.65 3.13
C VAL B 220 19.00 8.73 4.21
N GLY B 221 19.39 8.37 5.42
CA GLY B 221 19.46 9.32 6.53
C GLY B 221 18.12 9.50 7.22
N TYR B 222 17.15 8.66 6.87
CA TYR B 222 15.86 8.70 7.52
C TYR B 222 15.22 7.33 7.57
N SER B 223 14.20 7.20 8.43
CA SER B 223 13.41 6.00 8.55
C SER B 223 12.02 6.35 9.08
N ILE B 224 10.97 5.96 8.35
CA ILE B 224 9.62 6.41 8.68
C ILE B 224 9.00 5.61 9.83
N GLY B 225 9.43 4.37 9.99
CA GLY B 225 8.93 3.53 11.07
C GLY B 225 7.77 2.62 10.68
N THR B 226 7.78 1.41 11.23
CA THR B 226 6.74 0.43 10.99
C THR B 226 5.28 0.92 11.18
N LEU B 227 5.04 1.97 11.95
CA LEU B 227 3.69 2.48 11.90
C LEU B 227 3.56 3.36 10.68
N GLY B 228 4.51 4.28 10.52
CA GLY B 228 4.47 5.27 9.45
C GLY B 228 4.23 4.72 8.06
N ILE B 229 5.04 3.73 7.66
CA ILE B 229 5.00 3.15 6.33
C ILE B 229 3.62 2.59 6.01
N HIS B 230 2.91 2.15 7.04
CA HIS B 230 1.57 1.65 6.81
C HIS B 230 0.61 2.83 6.68
N ARG B 231 0.77 3.86 7.49
CA ARG B 231 0.07 5.13 7.23
C ARG B 231 0.42 5.69 5.84
N LEU B 232 1.62 5.42 5.35
CA LEU B 232 2.14 6.06 4.15
C LEU B 232 1.58 5.44 2.89
N GLY B 233 1.73 4.14 2.75
CA GLY B 233 1.13 3.39 1.67
C GLY B 233 -0.30 3.83 1.50
N LEU B 234 -1.08 3.83 2.58
CA LEU B 234 -2.49 4.14 2.51
C LEU B 234 -2.73 5.56 1.97
N LEU B 235 -1.92 6.51 2.43
CA LEU B 235 -1.92 7.89 1.95
C LEU B 235 -1.50 8.06 0.50
N LEU B 236 -0.41 7.40 0.09
CA LEU B 236 0.00 7.49 -1.29
C LEU B 236 -1.10 6.93 -2.18
N SER B 237 -1.62 5.76 -1.82
CA SER B 237 -2.70 5.12 -2.57
C SER B 237 -3.92 6.00 -2.72
N LEU B 238 -4.57 6.28 -1.61
CA LEU B 238 -5.77 7.07 -1.66
C LEU B 238 -5.50 8.43 -2.31
N SER B 239 -4.29 8.95 -2.18
CA SER B 239 -4.02 10.30 -2.67
C SER B 239 -3.94 10.26 -4.16
N ALA B 240 -3.28 9.23 -4.69
CA ALA B 240 -3.28 8.97 -6.11
C ALA B 240 -4.71 8.92 -6.66
N VAL B 241 -5.55 8.10 -6.07
CA VAL B 241 -6.91 7.97 -6.57
C VAL B 241 -7.73 9.23 -6.33
N PHE B 242 -7.36 10.02 -5.33
CA PHE B 242 -8.09 11.25 -5.10
C PHE B 242 -7.87 12.20 -6.27
N PHE B 243 -6.60 12.43 -6.59
CA PHE B 243 -6.24 13.34 -7.66
C PHE B 243 -6.62 12.79 -9.03
N SER B 244 -6.73 11.47 -9.14
CA SER B 244 -7.27 10.87 -10.36
C SER B 244 -8.66 11.40 -10.63
N ALA B 245 -9.55 11.30 -9.65
CA ALA B 245 -10.91 11.83 -9.80
C ALA B 245 -10.87 13.34 -10.04
N LEU B 246 -10.08 14.06 -9.24
CA LEU B 246 -9.95 15.49 -9.43
C LEU B 246 -9.55 15.83 -10.89
N CYS B 247 -8.49 15.20 -11.38
CA CYS B 247 -8.00 15.52 -12.72
C CYS B 247 -9.10 15.35 -13.79
N MET B 248 -10.05 14.45 -13.57
CA MET B 248 -11.07 14.17 -14.59
C MET B 248 -12.38 14.89 -14.36
N ILE B 249 -12.65 15.29 -13.13
CA ILE B 249 -13.88 16.03 -12.83
C ILE B 249 -13.78 17.44 -13.40
N ILE B 250 -12.55 17.94 -13.52
CA ILE B 250 -12.28 19.29 -13.99
C ILE B 250 -11.96 19.32 -15.47
N THR B 251 -12.07 18.18 -16.13
CA THR B 251 -11.80 18.11 -17.57
C THR B 251 -13.09 17.91 -18.38
N GLY B 252 -13.45 18.97 -19.10
CA GLY B 252 -14.71 19.04 -19.85
C GLY B 252 -15.78 19.74 -19.03
N THR B 253 -15.35 20.58 -18.08
CA THR B 253 -16.27 21.24 -17.17
C THR B 253 -15.78 22.64 -16.80
N ILE B 254 -14.58 22.74 -16.26
CA ILE B 254 -14.08 24.03 -15.85
C ILE B 254 -12.94 24.36 -16.78
N TRP B 255 -12.41 23.32 -17.42
CA TRP B 255 -11.37 23.46 -18.43
C TRP B 255 -11.62 22.46 -19.54
N PHE B 256 -11.65 22.94 -20.78
CA PHE B 256 -12.01 22.11 -21.93
C PHE B 256 -11.16 22.35 -23.17
N ASP B 257 -10.17 23.23 -23.02
CA ASP B 257 -9.21 23.53 -24.09
C ASP B 257 -7.99 22.61 -24.00
N GLN B 258 -6.92 22.93 -24.71
CA GLN B 258 -5.70 22.11 -24.71
C GLN B 258 -4.99 22.27 -23.37
N TRP B 259 -4.67 21.14 -22.73
CA TRP B 259 -4.10 21.23 -21.39
C TRP B 259 -2.74 21.94 -21.37
N VAL B 260 -1.95 21.73 -22.42
CA VAL B 260 -0.64 22.37 -22.55
C VAL B 260 -0.73 23.88 -22.36
N ASP B 261 -1.86 24.47 -22.78
CA ASP B 261 -2.03 25.93 -22.82
C ASP B 261 -2.25 26.54 -21.47
N TRP B 262 -2.86 25.78 -20.56
CA TRP B 262 -3.11 26.21 -19.19
C TRP B 262 -1.84 26.78 -18.55
N TRP B 263 -0.70 26.22 -18.93
CA TRP B 263 0.57 26.59 -18.35
C TRP B 263 1.10 27.96 -18.76
N GLN B 264 0.38 28.66 -19.62
CA GLN B 264 0.76 30.02 -19.99
C GLN B 264 0.45 31.04 -18.88
N TRP B 265 -0.49 30.73 -18.00
CA TRP B 265 -0.75 31.59 -16.82
C TRP B 265 0.56 31.96 -16.09
N TRP B 266 1.48 31.01 -16.01
CA TRP B 266 2.78 31.18 -15.37
C TRP B 266 3.72 32.02 -16.24
N VAL B 267 3.79 31.71 -17.53
CA VAL B 267 4.71 32.37 -18.47
C VAL B 267 4.35 33.84 -18.70
N LYS B 268 3.04 34.10 -18.77
CA LYS B 268 2.49 35.44 -19.06
C LYS B 268 2.21 36.21 -17.76
N LEU B 269 3.14 36.13 -16.81
CA LEU B 269 3.08 36.91 -15.58
C LEU B 269 3.81 38.23 -15.82
N PRO B 270 3.17 39.36 -15.44
CA PRO B 270 3.71 40.72 -15.57
C PRO B 270 5.25 40.84 -15.56
N TRP B 271 5.88 40.49 -14.44
CA TRP B 271 7.30 40.76 -14.21
C TRP B 271 8.32 40.02 -15.12
N TRP B 272 7.87 39.11 -15.98
CA TRP B 272 8.79 38.44 -16.91
C TRP B 272 8.22 38.15 -18.30
N ALA B 273 6.92 38.38 -18.48
CA ALA B 273 6.23 38.09 -19.73
C ALA B 273 6.97 38.61 -20.97
N ASN B 274 7.51 39.82 -20.89
CA ASN B 274 8.13 40.44 -22.07
C ASN B 274 9.65 40.55 -22.05
N ILE B 275 10.31 39.84 -21.13
CA ILE B 275 11.78 39.84 -21.10
C ILE B 275 12.34 39.00 -22.26
N PRO B 276 13.33 39.53 -23.01
CA PRO B 276 13.91 38.78 -24.15
C PRO B 276 14.75 37.58 -23.72
N GLY B 277 14.84 36.58 -24.61
CA GLY B 277 15.62 35.35 -24.37
C GLY B 277 14.83 34.12 -23.94
N GLY B 278 15.52 33.00 -23.75
CA GLY B 278 14.90 31.76 -23.27
C GLY B 278 14.15 30.98 -24.35
N ILE B 279 13.10 30.30 -23.92
CA ILE B 279 12.28 29.51 -24.85
C ILE B 279 11.03 30.29 -25.25
N ASN B 280 10.59 31.21 -24.38
CA ASN B 280 9.36 31.98 -24.60
C ASN B 280 9.56 33.47 -24.94
N GLY B 281 10.04 33.74 -26.15
CA GLY B 281 10.23 35.11 -26.63
C GLY B 281 11.67 35.58 -26.51
N ALA C 1 -16.24 10.69 17.56
CA ALA C 1 -14.84 10.82 17.11
C ALA C 1 -13.98 9.65 17.64
N GLU C 2 -14.31 8.43 17.20
CA GLU C 2 -13.48 7.25 17.50
C GLU C 2 -12.13 7.45 16.80
N TYR C 3 -11.05 7.17 17.53
CA TYR C 3 -9.69 7.41 17.03
C TYR C 3 -9.33 6.41 15.92
N GLN C 4 -8.49 6.82 14.97
CA GLN C 4 -8.28 6.05 13.77
C GLN C 4 -6.85 5.63 13.51
N ASN C 5 -5.90 6.32 14.11
CA ASN C 5 -4.48 6.04 13.96
C ASN C 5 -3.87 6.47 12.63
N ILE C 6 -4.29 7.63 12.14
CA ILE C 6 -3.65 8.19 10.95
C ILE C 6 -2.66 9.25 11.39
N PHE C 7 -2.97 9.93 12.50
CA PHE C 7 -2.05 10.88 13.12
C PHE C 7 -1.80 10.53 14.57
N THR C 8 -0.58 10.76 15.05
CA THR C 8 -0.25 10.49 16.45
C THR C 8 -0.98 11.46 17.38
N GLN C 9 -1.30 11.02 18.58
CA GLN C 9 -1.93 11.91 19.56
C GLN C 9 -0.90 12.51 20.53
N VAL C 10 0.03 11.66 20.96
CA VAL C 10 1.06 12.05 21.90
C VAL C 10 2.38 11.53 21.38
N GLN C 11 3.27 12.43 21.02
CA GLN C 11 4.60 12.01 20.67
C GLN C 11 5.41 11.84 21.94
N VAL C 12 6.47 11.07 21.81
CA VAL C 12 7.28 10.68 22.90
C VAL C 12 8.70 10.61 22.32
N ARG C 13 9.65 11.21 23.03
CA ARG C 13 11.04 11.20 22.58
C ARG C 13 11.97 10.81 23.71
N GLY C 14 12.97 9.99 23.40
CA GLY C 14 14.00 9.66 24.36
C GLY C 14 15.36 9.99 23.77
N PRO C 15 16.43 9.34 24.27
CA PRO C 15 17.78 9.51 23.76
C PRO C 15 17.81 9.20 22.29
N ALA C 16 18.58 9.98 21.53
CA ALA C 16 18.73 9.75 20.10
C ALA C 16 19.29 8.36 19.84
N ASP C 17 18.62 7.62 18.95
CA ASP C 17 18.93 6.22 18.69
C ASP C 17 19.99 6.05 17.59
N LEU C 18 21.19 5.63 18.01
CA LEU C 18 22.33 5.45 17.10
C LEU C 18 22.21 4.19 16.24
N GLY C 19 21.25 3.32 16.56
CA GLY C 19 20.95 2.16 15.72
C GLY C 19 21.89 1.00 15.87
N MET C 20 21.45 -0.18 15.41
CA MET C 20 22.20 -1.45 15.54
C MET C 20 23.54 -1.47 14.83
N THR C 21 24.48 -2.23 15.37
CA THR C 21 25.87 -2.18 14.93
C THR C 21 26.19 -3.28 13.94
N GLU C 22 26.03 -4.53 14.37
CA GLU C 22 26.51 -5.68 13.61
C GLU C 22 27.92 -5.38 13.04
N ASP C 23 28.06 -5.43 11.71
CA ASP C 23 29.36 -5.30 11.07
C ASP C 23 29.59 -3.96 10.39
N VAL C 24 28.81 -2.97 10.78
CA VAL C 24 28.92 -1.65 10.17
C VAL C 24 30.17 -0.97 10.70
N ASN C 25 30.98 -0.44 9.79
CA ASN C 25 32.08 0.42 10.17
C ASN C 25 31.52 1.77 10.66
N LEU C 26 31.40 1.90 11.99
CA LEU C 26 30.80 3.06 12.66
C LEU C 26 31.50 4.39 12.38
N ALA C 27 32.72 4.33 11.87
CA ALA C 27 33.51 5.53 11.59
C ALA C 27 32.88 6.31 10.46
N ASN C 28 32.10 5.61 9.65
CA ASN C 28 31.43 6.22 8.51
C ASN C 28 30.01 6.74 8.77
N ARG C 29 29.32 6.17 9.77
CA ARG C 29 28.07 6.77 10.25
C ARG C 29 28.31 8.16 10.80
N SER C 30 27.37 9.07 10.58
CA SER C 30 27.51 10.45 11.01
C SER C 30 26.94 10.66 12.40
N GLY C 31 26.58 11.89 12.72
CA GLY C 31 25.89 12.20 13.96
C GLY C 31 24.42 12.42 13.69
N VAL C 32 23.60 12.15 14.71
CA VAL C 32 22.16 12.33 14.65
C VAL C 32 21.81 13.71 14.12
N GLY C 33 20.77 13.81 13.28
CA GLY C 33 20.26 15.10 12.79
C GLY C 33 19.31 15.68 13.82
N PRO C 34 18.58 16.75 13.47
CA PRO C 34 17.59 17.31 14.39
C PRO C 34 16.41 16.35 14.63
N PHE C 35 15.29 16.89 15.10
CA PHE C 35 14.15 16.08 15.47
C PHE C 35 12.88 16.77 14.99
N SER C 36 12.33 16.32 13.87
CA SER C 36 11.12 16.95 13.33
C SER C 36 9.86 16.55 14.10
N THR C 37 9.29 17.50 14.85
CA THR C 37 8.01 17.28 15.51
C THR C 37 6.92 17.12 14.46
N LEU C 38 7.10 17.83 13.34
CA LEU C 38 6.21 17.74 12.21
C LEU C 38 6.12 16.28 11.72
N LEU C 39 7.23 15.76 11.19
CA LEU C 39 7.30 14.37 10.74
C LEU C 39 6.76 13.44 11.82
N GLY C 40 7.09 13.75 13.05
CA GLY C 40 6.64 13.02 14.23
C GLY C 40 5.18 12.64 14.29
N TRP C 41 4.29 13.46 13.74
CA TRP C 41 2.86 13.14 13.74
C TRP C 41 2.48 11.97 12.80
N PHE C 42 3.33 11.67 11.85
CA PHE C 42 3.02 10.66 10.87
C PHE C 42 3.86 9.42 11.09
N GLY C 43 5.17 9.61 11.14
CA GLY C 43 6.11 8.54 11.42
C GLY C 43 7.14 8.98 12.44
N ASN C 44 8.39 8.55 12.22
CA ASN C 44 9.52 8.86 13.09
C ASN C 44 9.88 10.33 13.11
N ALA C 45 10.36 10.79 14.27
CA ALA C 45 10.71 12.20 14.44
C ALA C 45 12.21 12.43 14.23
N GLN C 46 12.99 11.35 14.30
CA GLN C 46 14.43 11.45 14.28
C GLN C 46 15.02 11.48 12.87
N LEU C 47 15.54 12.64 12.47
CA LEU C 47 16.38 12.73 11.28
C LEU C 47 17.75 12.15 11.60
N GLY C 48 18.35 11.42 10.66
CA GLY C 48 19.70 10.86 10.85
C GLY C 48 19.80 9.79 11.94
N PRO C 49 20.97 9.16 12.12
CA PRO C 49 22.23 9.39 11.40
C PRO C 49 22.19 8.82 9.98
N ILE C 50 23.30 8.98 9.25
CA ILE C 50 23.42 8.46 7.90
C ILE C 50 24.81 7.92 7.69
N TYR C 51 24.91 6.71 7.13
CA TYR C 51 26.17 6.15 6.69
C TYR C 51 26.63 6.89 5.43
N LEU C 52 27.94 7.01 5.27
CA LEU C 52 28.55 7.64 4.11
C LEU C 52 29.96 7.14 3.93
N GLY C 53 30.11 6.02 3.23
CA GLY C 53 31.44 5.49 2.88
C GLY C 53 32.00 6.17 1.65
N SER C 54 33.03 5.57 1.05
CA SER C 54 33.64 6.11 -0.16
C SER C 54 32.72 5.96 -1.39
N LEU C 55 32.18 4.75 -1.55
CA LEU C 55 31.15 4.48 -2.55
C LEU C 55 29.98 5.44 -2.41
N GLY C 56 29.51 5.64 -1.17
CA GLY C 56 28.43 6.57 -0.90
C GLY C 56 28.74 8.01 -1.27
N VAL C 57 29.98 8.41 -1.05
CA VAL C 57 30.40 9.80 -1.33
C VAL C 57 30.60 10.04 -2.82
N LEU C 58 31.11 9.03 -3.52
CA LEU C 58 31.18 9.02 -4.99
C LEU C 58 29.78 9.26 -5.58
N SER C 59 28.86 8.37 -5.22
CA SER C 59 27.47 8.41 -5.62
C SER C 59 26.84 9.80 -5.47
N LEU C 60 26.91 10.31 -4.24
CA LEU C 60 26.36 11.61 -3.89
C LEU C 60 26.97 12.75 -4.69
N PHE C 61 28.26 12.60 -5.05
CA PHE C 61 28.97 13.65 -5.79
C PHE C 61 28.53 13.65 -7.23
N SER C 62 28.69 12.50 -7.90
CA SER C 62 28.41 12.39 -9.32
C SER C 62 26.92 12.52 -9.63
N GLY C 63 26.08 12.32 -8.61
CA GLY C 63 24.66 12.61 -8.70
C GLY C 63 24.40 14.10 -8.85
N LEU C 64 25.15 14.89 -8.10
CA LEU C 64 25.07 16.34 -8.18
C LEU C 64 25.75 16.85 -9.44
N MET C 65 26.82 16.17 -9.85
CA MET C 65 27.51 16.49 -11.09
C MET C 65 26.60 16.32 -12.32
N TRP C 66 25.74 15.31 -12.25
CA TRP C 66 24.64 15.16 -13.19
C TRP C 66 23.76 16.40 -13.08
N PHE C 67 23.09 16.53 -11.95
CA PHE C 67 22.12 17.60 -11.71
C PHE C 67 22.59 18.98 -12.13
N PHE C 68 23.84 19.32 -11.84
CA PHE C 68 24.41 20.63 -12.20
C PHE C 68 24.62 20.77 -13.69
N THR C 69 25.19 19.75 -14.32
CA THR C 69 25.40 19.73 -15.77
C THR C 69 24.13 20.15 -16.48
N ILE C 70 23.01 19.55 -16.09
CA ILE C 70 21.69 19.92 -16.62
C ILE C 70 21.37 21.39 -16.30
N GLY C 71 21.51 21.77 -15.04
CA GLY C 71 21.25 23.15 -14.60
C GLY C 71 22.01 24.27 -15.29
N ILE C 72 23.30 24.05 -15.60
CA ILE C 72 24.10 25.10 -16.24
C ILE C 72 23.71 25.29 -17.71
N TRP C 73 23.22 24.22 -18.34
CA TRP C 73 22.68 24.28 -19.69
C TRP C 73 21.30 24.91 -19.68
N PHE C 74 20.60 24.80 -18.56
CA PHE C 74 19.31 25.48 -18.37
C PHE C 74 19.51 26.98 -18.20
N TRP C 75 20.64 27.35 -17.57
CA TRP C 75 21.02 28.76 -17.41
C TRP C 75 21.44 29.35 -18.74
N TYR C 76 22.30 28.63 -19.47
CA TYR C 76 22.70 29.04 -20.82
C TYR C 76 21.48 29.28 -21.70
N GLN C 77 20.49 28.38 -21.63
CA GLN C 77 19.27 28.52 -22.41
C GLN C 77 18.43 29.73 -22.01
N ALA C 78 18.55 30.14 -20.74
CA ALA C 78 17.87 31.33 -20.24
C ALA C 78 18.58 32.65 -20.60
N GLY C 79 19.78 32.54 -21.17
CA GLY C 79 20.63 33.68 -21.44
C GLY C 79 21.22 34.24 -20.16
N TRP C 80 21.41 33.38 -19.17
CA TRP C 80 21.94 33.74 -17.84
C TRP C 80 21.04 34.70 -17.05
N ASN C 81 19.76 34.74 -17.41
CA ASN C 81 18.81 35.70 -16.83
C ASN C 81 17.84 35.06 -15.82
N PRO C 82 18.03 35.36 -14.52
CA PRO C 82 17.23 34.86 -13.38
C PRO C 82 15.73 34.80 -13.64
N ALA C 83 15.15 35.90 -14.11
CA ALA C 83 13.72 35.94 -14.40
C ALA C 83 13.32 34.96 -15.53
N VAL C 84 14.11 34.91 -16.61
CA VAL C 84 13.86 34.00 -17.74
C VAL C 84 13.97 32.54 -17.26
N PHE C 85 15.07 32.23 -16.59
CA PHE C 85 15.30 30.95 -15.92
C PHE C 85 14.08 30.44 -15.17
N LEU C 86 13.51 31.29 -14.31
CA LEU C 86 12.36 30.90 -13.52
C LEU C 86 11.09 30.79 -14.34
N ARG C 87 10.95 31.67 -15.34
CA ARG C 87 9.73 31.68 -16.16
C ARG C 87 9.64 30.42 -17.00
N ASP C 88 10.78 30.01 -17.54
CA ASP C 88 10.82 28.95 -18.53
C ASP C 88 11.36 27.62 -18.00
N LEU C 89 11.30 27.42 -16.68
CA LEU C 89 11.99 26.27 -16.04
C LEU C 89 11.56 24.89 -16.54
N PHE C 90 10.26 24.71 -16.70
CA PHE C 90 9.74 23.45 -17.21
C PHE C 90 10.07 23.28 -18.70
N PHE C 91 10.29 24.41 -19.39
CA PHE C 91 10.47 24.43 -20.85
C PHE C 91 11.88 24.11 -21.35
N PHE C 92 12.89 24.37 -20.54
CA PHE C 92 14.27 24.05 -20.94
C PHE C 92 14.47 22.55 -21.09
N SER C 93 15.54 22.18 -21.79
CA SER C 93 15.79 20.78 -22.11
C SER C 93 17.21 20.53 -22.64
N LEU C 94 17.83 19.47 -22.16
CA LEU C 94 19.15 19.03 -22.63
C LEU C 94 19.01 17.78 -23.48
N GLU C 95 18.94 17.96 -24.80
CA GLU C 95 18.66 16.86 -25.73
C GLU C 95 19.95 16.09 -26.06
N PRO C 96 19.82 14.79 -26.44
CA PRO C 96 20.97 13.97 -26.85
C PRO C 96 21.44 14.28 -28.28
N PRO C 97 22.57 13.68 -28.71
CA PRO C 97 23.06 13.80 -30.09
C PRO C 97 21.95 13.61 -31.11
N ALA C 98 21.98 14.40 -32.20
CA ALA C 98 21.15 14.13 -33.38
C ALA C 98 21.37 12.67 -33.89
N PRO C 99 20.42 12.13 -34.69
CA PRO C 99 20.60 10.73 -35.10
C PRO C 99 21.89 10.43 -35.91
N GLU C 100 22.47 11.44 -36.54
CA GLU C 100 23.64 11.24 -37.40
C GLU C 100 24.96 10.99 -36.66
N TYR C 101 25.05 11.39 -35.38
CA TYR C 101 26.27 11.11 -34.61
C TYR C 101 26.30 9.67 -34.10
N GLY C 102 25.30 8.88 -34.50
CA GLY C 102 25.20 7.47 -34.11
C GLY C 102 25.42 7.24 -32.63
N LEU C 103 26.19 6.20 -32.31
CA LEU C 103 26.52 5.89 -30.93
C LEU C 103 27.90 6.45 -30.53
N SER C 104 28.42 7.40 -31.32
CA SER C 104 29.76 7.92 -31.06
C SER C 104 29.74 9.02 -30.00
N PHE C 105 30.92 9.26 -29.42
CA PHE C 105 31.13 10.31 -28.42
C PHE C 105 31.71 11.57 -29.08
N ALA C 106 31.61 11.62 -30.41
CA ALA C 106 32.15 12.72 -31.21
C ALA C 106 31.32 14.01 -31.13
N ALA C 107 30.00 13.85 -30.99
CA ALA C 107 29.02 14.95 -31.04
C ALA C 107 29.46 16.21 -30.30
N PRO C 108 29.35 17.39 -30.95
CA PRO C 108 29.72 18.68 -30.33
C PRO C 108 29.03 18.88 -28.99
N LEU C 109 29.71 19.58 -28.11
CA LEU C 109 29.24 19.81 -26.76
C LEU C 109 27.82 20.36 -26.75
N LYS C 110 27.62 21.46 -27.47
CA LYS C 110 26.37 22.21 -27.45
C LYS C 110 25.23 21.49 -28.18
N GLU C 111 25.49 20.28 -28.66
CA GLU C 111 24.49 19.46 -29.34
C GLU C 111 24.43 18.02 -28.84
N GLY C 112 24.49 17.86 -27.52
CA GLY C 112 24.36 16.55 -26.88
C GLY C 112 25.65 15.88 -26.41
N GLY C 113 26.77 16.58 -26.57
CA GLY C 113 28.01 16.14 -25.94
C GLY C 113 27.84 16.33 -24.46
N LEU C 114 27.12 17.42 -24.13
CA LEU C 114 26.76 17.80 -22.78
C LEU C 114 25.76 16.81 -22.15
N TRP C 115 24.81 16.34 -22.96
CA TRP C 115 23.86 15.32 -22.56
C TRP C 115 24.57 14.04 -22.11
N LEU C 116 25.56 13.62 -22.89
CA LEU C 116 26.35 12.41 -22.62
C LEU C 116 27.18 12.53 -21.36
N ILE C 117 27.63 13.75 -21.07
CA ILE C 117 28.35 14.04 -19.83
C ILE C 117 27.44 13.79 -18.62
N ALA C 118 26.34 14.54 -18.53
CA ALA C 118 25.35 14.35 -17.46
C ALA C 118 24.90 12.88 -17.37
N SER C 119 24.70 12.24 -18.51
CA SER C 119 24.30 10.83 -18.50
C SER C 119 25.37 9.92 -17.88
N PHE C 120 26.63 10.14 -18.26
CA PHE C 120 27.74 9.40 -17.64
C PHE C 120 27.67 9.58 -16.11
N PHE C 121 27.61 10.83 -15.66
CA PHE C 121 27.45 11.15 -14.24
C PHE C 121 26.26 10.47 -13.58
N MET C 122 25.17 10.33 -14.33
CA MET C 122 23.96 9.67 -13.85
C MET C 122 24.21 8.17 -13.66
N PHE C 123 24.73 7.52 -14.70
CA PHE C 123 25.08 6.11 -14.70
C PHE C 123 25.94 5.74 -13.48
N VAL C 124 26.94 6.57 -13.20
CA VAL C 124 27.84 6.39 -12.06
C VAL C 124 27.05 6.46 -10.74
N ALA C 125 26.33 7.58 -10.54
CA ALA C 125 25.54 7.79 -9.33
C ALA C 125 24.53 6.65 -9.01
N VAL C 126 23.87 6.12 -10.04
CA VAL C 126 22.85 5.12 -9.82
C VAL C 126 23.48 3.76 -9.48
N TRP C 127 24.40 3.28 -10.31
CA TRP C 127 25.01 1.97 -10.09
C TRP C 127 25.82 1.91 -8.80
N SER C 128 26.47 3.02 -8.46
CA SER C 128 27.18 3.13 -7.19
C SER C 128 26.14 3.07 -6.08
N TRP C 129 25.17 3.99 -6.14
CA TRP C 129 24.06 3.96 -5.21
C TRP C 129 23.37 2.58 -5.11
N TRP C 130 23.37 1.80 -6.20
CA TRP C 130 22.82 0.43 -6.13
C TRP C 130 23.63 -0.44 -5.15
N GLY C 131 24.92 -0.62 -5.45
CA GLY C 131 25.81 -1.38 -4.59
C GLY C 131 25.71 -0.93 -3.15
N ARG C 132 25.53 0.37 -2.94
CA ARG C 132 25.28 0.93 -1.62
C ARG C 132 24.11 0.22 -0.90
N THR C 133 23.01 -0.04 -1.62
CA THR C 133 21.85 -0.74 -1.03
C THR C 133 22.17 -2.19 -0.67
N TYR C 134 23.07 -2.81 -1.43
CA TYR C 134 23.48 -4.18 -1.15
C TYR C 134 24.35 -4.19 0.11
N LEU C 135 25.35 -3.33 0.11
CA LEU C 135 26.36 -3.30 1.15
C LEU C 135 25.80 -2.94 2.51
N ARG C 136 24.87 -1.98 2.57
CA ARG C 136 24.21 -1.64 3.84
C ARG C 136 23.41 -2.81 4.41
N ALA C 137 22.89 -3.67 3.55
CA ALA C 137 22.15 -4.86 3.97
C ALA C 137 23.10 -5.98 4.44
N GLN C 138 24.22 -6.10 3.72
CA GLN C 138 25.32 -6.99 4.09
C GLN C 138 25.87 -6.65 5.47
N ALA C 139 26.19 -5.37 5.68
CA ALA C 139 26.71 -4.91 6.96
C ALA C 139 25.81 -5.32 8.12
N LEU C 140 24.50 -5.38 7.90
CA LEU C 140 23.59 -5.67 9.00
C LEU C 140 23.14 -7.13 9.01
N GLY C 141 23.67 -7.91 8.08
CA GLY C 141 23.36 -9.34 7.99
C GLY C 141 21.99 -9.68 7.44
N MET C 142 21.33 -8.70 6.80
CA MET C 142 19.96 -8.85 6.29
C MET C 142 19.90 -9.34 4.84
N GLY C 143 18.74 -9.86 4.43
CA GLY C 143 18.51 -10.34 3.06
C GLY C 143 18.80 -9.29 2.01
N LYS C 144 18.89 -9.70 0.74
CA LYS C 144 19.26 -8.76 -0.34
C LYS C 144 18.08 -8.20 -1.13
N HIS C 145 16.88 -8.42 -0.60
CA HIS C 145 15.62 -7.95 -1.17
C HIS C 145 15.68 -6.53 -1.71
N THR C 146 15.95 -5.55 -0.84
CA THR C 146 16.06 -4.16 -1.26
C THR C 146 16.86 -4.02 -2.58
N ALA C 147 18.02 -4.65 -2.66
CA ALA C 147 18.89 -4.49 -3.83
C ALA C 147 18.35 -5.19 -5.06
N TRP C 148 17.78 -6.38 -4.86
CA TRP C 148 17.10 -7.09 -5.93
C TRP C 148 15.96 -6.25 -6.50
N ALA C 149 15.11 -5.73 -5.63
CA ALA C 149 13.97 -4.93 -6.06
C ALA C 149 14.40 -3.64 -6.77
N PHE C 150 15.49 -3.03 -6.31
CA PHE C 150 15.97 -1.76 -6.88
C PHE C 150 16.52 -1.99 -8.28
N LEU C 151 17.04 -3.19 -8.51
CA LEU C 151 17.59 -3.55 -9.82
C LEU C 151 16.48 -3.58 -10.89
N SER C 152 15.28 -3.99 -10.48
CA SER C 152 14.11 -4.01 -11.34
C SER C 152 13.74 -2.61 -11.85
N ALA C 153 13.85 -1.62 -10.96
CA ALA C 153 13.68 -0.22 -11.36
C ALA C 153 14.83 0.22 -12.29
N ILE C 154 16.03 -0.25 -11.98
CA ILE C 154 17.20 0.09 -12.76
C ILE C 154 17.03 -0.45 -14.17
N TRP C 155 16.48 -1.66 -14.27
CA TRP C 155 16.14 -2.27 -15.57
C TRP C 155 15.47 -1.27 -16.53
N LEU C 156 14.32 -0.69 -16.17
CA LEU C 156 13.65 0.28 -17.05
C LEU C 156 14.58 1.40 -17.46
N TRP C 157 15.20 2.01 -16.45
CA TRP C 157 16.10 3.14 -16.63
C TRP C 157 17.29 2.79 -17.53
N MET C 158 17.91 1.64 -17.29
CA MET C 158 18.95 1.11 -18.16
C MET C 158 18.48 0.95 -19.60
N VAL C 159 17.26 0.45 -19.78
CA VAL C 159 16.67 0.22 -21.09
C VAL C 159 16.40 1.55 -21.82
N LEU C 160 15.68 2.48 -21.17
CA LEU C 160 15.39 3.81 -21.75
C LEU C 160 16.62 4.57 -22.23
N GLY C 161 17.61 4.74 -21.34
CA GLY C 161 18.75 5.57 -21.66
C GLY C 161 19.99 4.88 -22.19
N PHE C 162 20.09 3.57 -22.03
CA PHE C 162 21.33 2.89 -22.42
C PHE C 162 21.12 1.71 -23.38
N ILE C 163 20.41 0.68 -22.93
CA ILE C 163 20.31 -0.56 -23.71
C ILE C 163 19.57 -0.36 -25.04
N ARG C 164 18.42 0.32 -24.98
CA ARG C 164 17.63 0.59 -26.20
C ARG C 164 18.32 1.56 -27.15
N PRO C 165 18.96 2.62 -26.62
CA PRO C 165 19.78 3.42 -27.53
C PRO C 165 20.94 2.64 -28.19
N ILE C 166 21.57 1.70 -27.47
CA ILE C 166 22.63 0.86 -28.03
C ILE C 166 22.07 0.01 -29.17
N LEU C 167 21.00 -0.72 -28.87
CA LEU C 167 20.39 -1.63 -29.84
C LEU C 167 19.85 -0.97 -31.10
N MET C 168 19.33 0.25 -30.98
CA MET C 168 18.75 0.96 -32.10
C MET C 168 19.79 1.75 -32.92
N GLY C 169 21.06 1.68 -32.52
CA GLY C 169 22.15 2.32 -33.24
C GLY C 169 22.50 3.80 -32.96
N SER C 170 21.66 4.52 -32.22
CA SER C 170 21.95 5.95 -31.92
C SER C 170 21.59 6.38 -30.50
N TRP C 171 22.20 7.48 -30.04
CA TRP C 171 21.87 8.08 -28.73
C TRP C 171 20.60 8.91 -28.77
N SER C 172 20.14 9.27 -29.98
CA SER C 172 19.01 10.20 -30.14
C SER C 172 17.71 9.65 -29.57
N GLU C 173 17.63 8.32 -29.46
CA GLU C 173 16.43 7.63 -29.00
C GLU C 173 16.15 7.87 -27.52
N ALA C 174 17.17 8.33 -26.79
CA ALA C 174 17.13 8.42 -25.33
C ALA C 174 16.43 9.67 -24.78
N VAL C 175 15.84 9.52 -23.60
CA VAL C 175 15.05 10.57 -22.95
C VAL C 175 15.89 11.83 -22.67
N PRO C 176 15.36 13.00 -23.05
CA PRO C 176 16.06 14.23 -22.71
C PRO C 176 15.90 14.59 -21.23
N TYR C 177 16.84 15.36 -20.69
CA TYR C 177 16.69 15.89 -19.34
C TYR C 177 15.90 17.19 -19.45
N GLY C 178 14.67 17.18 -18.95
CA GLY C 178 13.80 18.35 -18.92
C GLY C 178 12.37 17.98 -18.59
N ILE C 179 11.72 18.80 -17.76
CA ILE C 179 10.38 18.54 -17.25
C ILE C 179 9.32 18.34 -18.35
N PHE C 180 9.00 19.41 -19.08
CA PHE C 180 7.99 19.33 -20.14
C PHE C 180 8.45 18.54 -21.35
N SER C 181 9.77 18.44 -21.52
CA SER C 181 10.31 17.87 -22.74
C SER C 181 10.37 16.35 -22.71
N HIS C 182 10.57 15.79 -21.52
CA HIS C 182 10.63 14.33 -21.36
C HIS C 182 9.20 13.78 -21.38
N LEU C 183 8.25 14.61 -20.93
CA LEU C 183 6.82 14.34 -21.07
C LEU C 183 6.41 14.23 -22.54
N ASP C 184 7.01 15.07 -23.37
CA ASP C 184 6.70 15.07 -24.79
C ASP C 184 7.28 13.84 -25.48
N TRP C 185 8.54 13.53 -25.13
CA TRP C 185 9.26 12.31 -25.59
C TRP C 185 8.43 11.05 -25.33
N THR C 186 7.76 11.02 -24.18
CA THR C 186 6.91 9.93 -23.81
C THR C 186 5.79 9.81 -24.83
N ASN C 187 5.05 10.90 -25.03
CA ASN C 187 3.90 10.87 -25.92
C ASN C 187 4.32 10.51 -27.35
N ASN C 188 5.41 11.12 -27.79
CA ASN C 188 6.03 10.82 -29.05
C ASN C 188 6.33 9.33 -29.27
N PHE C 189 7.02 8.73 -28.30
CA PHE C 189 7.34 7.32 -28.35
C PHE C 189 6.12 6.46 -28.73
N SER C 190 4.99 6.78 -28.08
CA SER C 190 3.76 6.04 -28.24
C SER C 190 3.33 6.12 -29.71
N LEU C 191 3.25 7.36 -30.22
CA LEU C 191 2.85 7.65 -31.61
C LEU C 191 3.69 6.90 -32.64
N VAL C 192 5.01 7.06 -32.54
CA VAL C 192 5.96 6.40 -33.43
C VAL C 192 5.85 4.86 -33.47
N HIS C 193 5.16 4.27 -32.49
CA HIS C 193 5.15 2.80 -32.32
C HIS C 193 3.74 2.18 -32.38
N GLY C 194 2.76 2.94 -32.83
CA GLY C 194 1.46 2.36 -33.13
C GLY C 194 0.53 2.43 -31.96
N ASN C 195 0.96 3.13 -30.91
CA ASN C 195 0.21 3.28 -29.66
C ASN C 195 0.50 2.14 -28.67
N LEU C 196 1.24 2.47 -27.60
CA LEU C 196 1.64 1.50 -26.60
C LEU C 196 0.47 0.78 -25.89
N PHE C 197 -0.77 1.29 -26.03
CA PHE C 197 -1.93 0.54 -25.54
C PHE C 197 -2.02 -0.80 -26.23
N TYR C 198 -1.22 -0.97 -27.30
CA TYR C 198 -1.17 -2.26 -28.01
C TYR C 198 0.05 -3.11 -27.63
N ASN C 199 0.89 -2.57 -26.76
CA ASN C 199 2.01 -3.32 -26.22
C ASN C 199 1.53 -4.14 -24.99
N PRO C 200 1.52 -5.47 -25.10
CA PRO C 200 0.96 -6.26 -24.00
C PRO C 200 1.76 -6.10 -22.71
N PHE C 201 3.03 -5.75 -22.82
CA PHE C 201 3.80 -5.44 -21.64
C PHE C 201 3.44 -4.09 -21.02
N HIS C 202 2.99 -3.15 -21.84
CA HIS C 202 2.51 -1.86 -21.34
C HIS C 202 1.23 -2.07 -20.55
N GLY C 203 0.37 -2.95 -21.05
CA GLY C 203 -0.85 -3.32 -20.36
C GLY C 203 -0.57 -3.94 -19.00
N LEU C 204 0.47 -4.78 -18.90
CA LEU C 204 0.80 -5.45 -17.65
C LEU C 204 1.41 -4.47 -16.66
N SER C 205 2.41 -3.75 -17.14
CA SER C 205 3.02 -2.65 -16.44
C SER C 205 1.92 -1.83 -15.77
N ILE C 206 0.84 -1.57 -16.49
CA ILE C 206 -0.28 -0.84 -15.92
C ILE C 206 -1.01 -1.66 -14.86
N ALA C 207 -1.31 -2.92 -15.19
CA ALA C 207 -2.08 -3.79 -14.30
C ALA C 207 -1.45 -3.75 -12.92
N PHE C 208 -0.12 -3.89 -12.91
CA PHE C 208 0.67 -3.95 -11.70
C PHE C 208 0.80 -2.61 -10.98
N LEU C 209 0.87 -1.53 -11.74
CA LEU C 209 0.96 -0.20 -11.18
C LEU C 209 -0.34 0.10 -10.45
N TYR C 210 -1.47 -0.18 -11.11
CA TYR C 210 -2.75 -0.04 -10.47
C TYR C 210 -2.80 -0.99 -9.29
N GLY C 211 -2.26 -2.19 -9.51
CA GLY C 211 -2.26 -3.27 -8.52
C GLY C 211 -1.46 -2.92 -7.30
N SER C 212 -0.34 -2.24 -7.51
CA SER C 212 0.47 -1.72 -6.42
C SER C 212 -0.36 -0.77 -5.61
N ALA C 213 -1.16 0.05 -6.28
CA ALA C 213 -2.00 1.00 -5.55
C ALA C 213 -3.17 0.29 -4.84
N LEU C 214 -3.64 -0.79 -5.44
CA LEU C 214 -4.71 -1.57 -4.84
C LEU C 214 -4.17 -2.28 -3.59
N LEU C 215 -3.03 -2.95 -3.72
CA LEU C 215 -2.49 -3.77 -2.66
C LEU C 215 -2.04 -2.93 -1.47
N PHE C 216 -1.20 -1.94 -1.73
CA PHE C 216 -0.70 -1.17 -0.63
C PHE C 216 -1.86 -0.49 0.09
N ALA C 217 -2.93 -0.23 -0.64
CA ALA C 217 -4.11 0.37 0.00
C ALA C 217 -4.78 -0.66 0.89
N MET C 218 -5.04 -1.84 0.32
CA MET C 218 -5.56 -2.97 1.07
C MET C 218 -4.74 -3.18 2.33
N HIS C 219 -3.44 -3.43 2.13
CA HIS C 219 -2.52 -3.79 3.18
C HIS C 219 -2.41 -2.69 4.24
N GLY C 220 -2.08 -1.49 3.79
CA GLY C 220 -1.89 -0.37 4.67
C GLY C 220 -3.05 -0.23 5.61
N ALA C 221 -4.26 -0.37 5.06
CA ALA C 221 -5.51 -0.16 5.79
C ALA C 221 -5.72 -1.32 6.75
N THR C 222 -5.43 -2.53 6.27
CA THR C 222 -5.52 -3.74 7.06
C THR C 222 -4.69 -3.57 8.33
N ILE C 223 -3.40 -3.26 8.19
CA ILE C 223 -2.56 -3.04 9.38
C ILE C 223 -3.15 -1.98 10.32
N LEU C 224 -3.43 -0.78 9.83
CA LEU C 224 -4.03 0.22 10.69
C LEU C 224 -5.24 -0.34 11.41
N ALA C 225 -6.06 -1.10 10.71
CA ALA C 225 -7.29 -1.64 11.30
C ALA C 225 -7.03 -2.65 12.42
N VAL C 226 -5.97 -3.45 12.26
CA VAL C 226 -5.53 -4.39 13.30
C VAL C 226 -4.37 -3.84 14.17
N SER C 227 -4.17 -2.53 14.16
CA SER C 227 -3.09 -1.95 14.93
C SER C 227 -3.48 -1.85 16.41
N ARG C 228 -4.74 -2.11 16.70
CA ARG C 228 -5.25 -2.12 18.06
C ARG C 228 -4.83 -3.42 18.78
N PHE C 229 -4.05 -4.25 18.09
CA PHE C 229 -3.48 -5.49 18.64
C PHE C 229 -2.01 -5.52 18.25
N GLY C 230 -1.42 -4.35 18.07
CA GLY C 230 -0.02 -4.27 17.70
C GLY C 230 0.25 -4.97 16.40
N GLY C 231 -0.63 -4.73 15.42
CA GLY C 231 -0.50 -5.26 14.08
C GLY C 231 0.78 -4.82 13.38
N GLU C 232 1.23 -3.58 13.62
CA GLU C 232 2.36 -3.01 12.85
C GLU C 232 3.68 -3.66 13.20
N ARG C 233 3.66 -4.46 14.26
CA ARG C 233 4.86 -5.13 14.70
C ARG C 233 4.99 -6.42 13.90
N GLU C 234 5.08 -6.24 12.60
CA GLU C 234 4.98 -7.34 11.68
C GLU C 234 6.00 -8.45 11.93
N LEU C 235 7.27 -8.11 12.13
CA LEU C 235 8.29 -9.14 12.32
C LEU C 235 7.97 -10.14 13.45
N GLU C 236 7.52 -9.62 14.61
CA GLU C 236 7.16 -10.47 15.74
C GLU C 236 5.89 -11.25 15.54
N GLN C 237 4.95 -10.72 14.75
CA GLN C 237 3.72 -11.50 14.39
C GLN C 237 4.07 -12.69 13.45
N ILE C 238 5.12 -12.52 12.65
CA ILE C 238 5.69 -13.61 11.86
C ILE C 238 6.28 -14.68 12.77
N ALA C 239 6.95 -14.23 13.82
CA ALA C 239 7.67 -15.12 14.72
C ALA C 239 6.76 -15.83 15.72
N ASP C 240 5.64 -15.19 16.06
CA ASP C 240 4.74 -15.69 17.07
C ASP C 240 3.39 -15.00 16.82
N ARG C 241 2.61 -15.64 15.95
CA ARG C 241 1.36 -15.12 15.38
C ARG C 241 0.36 -14.65 16.43
N GLY C 242 -0.16 -13.43 16.28
CA GLY C 242 -1.10 -12.89 17.25
C GLY C 242 -2.52 -12.77 16.76
N THR C 243 -3.43 -12.33 17.65
CA THR C 243 -4.79 -12.06 17.23
C THR C 243 -4.83 -11.05 16.06
N ALA C 244 -3.93 -10.06 16.11
CA ALA C 244 -3.77 -9.07 15.03
C ALA C 244 -3.60 -9.77 13.71
N ALA C 245 -2.66 -10.73 13.64
CA ALA C 245 -2.39 -11.45 12.39
C ALA C 245 -3.58 -12.29 11.97
N GLU C 246 -4.26 -12.86 12.96
CA GLU C 246 -5.39 -13.72 12.70
C GLU C 246 -6.61 -12.97 12.19
N ARG C 247 -7.03 -11.90 12.90
CA ARG C 247 -8.23 -11.17 12.45
C ARG C 247 -7.99 -10.52 11.09
N ALA C 248 -6.73 -10.17 10.80
CA ALA C 248 -6.32 -9.71 9.46
C ALA C 248 -6.67 -10.74 8.40
N ALA C 249 -5.96 -11.88 8.43
CA ALA C 249 -6.18 -12.99 7.50
C ALA C 249 -7.66 -13.29 7.35
N LEU C 250 -8.40 -13.12 8.45
CA LEU C 250 -9.79 -13.51 8.45
C LEU C 250 -10.71 -12.49 7.85
N PHE C 251 -10.37 -11.22 7.92
CA PHE C 251 -11.18 -10.21 7.25
C PHE C 251 -11.16 -10.54 5.78
N TRP C 252 -9.98 -10.86 5.28
CA TRP C 252 -9.81 -11.09 3.87
C TRP C 252 -10.37 -12.43 3.45
N ARG C 253 -10.17 -13.45 4.27
CA ARG C 253 -10.72 -14.77 3.97
C ARG C 253 -12.21 -14.58 3.83
N TRP C 254 -12.86 -14.03 4.86
CA TRP C 254 -14.33 -13.83 4.85
C TRP C 254 -14.87 -12.93 3.74
N THR C 255 -14.08 -11.97 3.29
CA THR C 255 -14.50 -11.09 2.18
C THR C 255 -14.35 -11.77 0.81
N MET C 256 -13.14 -12.25 0.50
CA MET C 256 -12.81 -12.69 -0.84
C MET C 256 -12.34 -14.15 -0.98
N GLY C 257 -12.49 -14.94 0.06
CA GLY C 257 -12.35 -16.40 -0.07
C GLY C 257 -10.95 -16.99 0.03
N PHE C 258 -9.94 -16.15 0.10
CA PHE C 258 -8.61 -16.60 0.43
C PHE C 258 -7.89 -15.50 1.23
N ASN C 259 -6.61 -15.69 1.53
CA ASN C 259 -5.88 -14.72 2.36
C ASN C 259 -4.38 -14.94 2.39
N ALA C 260 -3.73 -14.08 3.16
CA ALA C 260 -2.28 -14.07 3.30
C ALA C 260 -1.83 -14.36 4.74
N THR C 261 -0.53 -14.66 4.86
CA THR C 261 0.14 -14.67 6.16
C THR C 261 0.91 -13.36 6.32
N MET C 262 1.22 -13.03 7.58
CA MET C 262 1.95 -11.80 7.91
C MET C 262 3.36 -11.71 7.29
N GLU C 263 4.04 -12.83 7.09
CA GLU C 263 5.20 -12.77 6.20
C GLU C 263 4.75 -12.71 4.74
N GLY C 264 4.02 -13.73 4.27
CA GLY C 264 3.56 -13.82 2.86
C GLY C 264 3.09 -12.56 2.12
N ILE C 265 2.12 -11.86 2.70
CA ILE C 265 1.67 -10.56 2.20
C ILE C 265 2.81 -9.67 1.68
N HIS C 266 3.93 -9.64 2.37
CA HIS C 266 5.10 -8.87 1.90
C HIS C 266 5.76 -9.45 0.64
N ARG C 267 5.61 -10.74 0.41
CA ARG C 267 6.09 -11.30 -0.85
C ARG C 267 5.16 -10.89 -2.00
N TRP C 268 3.85 -10.85 -1.70
CA TRP C 268 2.84 -10.28 -2.60
C TRP C 268 3.25 -8.84 -2.95
N ALA C 269 3.50 -8.02 -1.93
CA ALA C 269 3.88 -6.64 -2.14
C ALA C 269 5.12 -6.48 -3.03
N ILE C 270 6.22 -7.14 -2.67
CA ILE C 270 7.47 -6.91 -3.39
C ILE C 270 7.35 -7.30 -4.85
N TRP C 271 6.59 -8.35 -5.11
CA TRP C 271 6.44 -8.85 -6.49
C TRP C 271 5.51 -7.99 -7.35
N MET C 272 4.32 -7.70 -6.82
CA MET C 272 3.42 -6.71 -7.41
C MET C 272 4.18 -5.50 -7.94
N ALA C 273 4.82 -4.75 -7.05
CA ALA C 273 5.58 -3.55 -7.40
C ALA C 273 6.74 -3.80 -8.38
N VAL C 274 7.58 -4.79 -8.11
CA VAL C 274 8.73 -5.08 -8.95
C VAL C 274 8.33 -5.36 -10.41
N LEU C 275 7.17 -6.02 -10.57
CA LEU C 275 6.64 -6.37 -11.90
C LEU C 275 6.15 -5.18 -12.76
N VAL C 276 6.02 -4.01 -12.15
CA VAL C 276 5.71 -2.80 -12.89
C VAL C 276 6.84 -2.55 -13.87
N THR C 277 8.04 -2.30 -13.36
CA THR C 277 9.17 -1.94 -14.22
C THR C 277 9.77 -3.16 -14.88
N LEU C 278 9.42 -4.35 -14.41
CA LEU C 278 9.97 -5.53 -15.01
C LEU C 278 9.36 -5.73 -16.40
N THR C 279 8.04 -5.88 -16.45
CA THR C 279 7.27 -5.93 -17.67
C THR C 279 7.46 -4.64 -18.46
N GLY C 280 7.44 -3.51 -17.76
CA GLY C 280 7.61 -2.21 -18.40
C GLY C 280 8.83 -2.21 -19.30
N GLY C 281 9.98 -2.51 -18.70
CA GLY C 281 11.28 -2.49 -19.39
C GLY C 281 11.38 -3.42 -20.57
N ILE C 282 10.66 -4.55 -20.48
CA ILE C 282 10.57 -5.49 -21.58
C ILE C 282 9.80 -4.85 -22.72
N GLY C 283 8.60 -4.36 -22.41
CA GLY C 283 7.80 -3.58 -23.34
C GLY C 283 8.58 -2.50 -24.07
N ILE C 284 9.29 -1.66 -23.34
CA ILE C 284 10.08 -0.63 -24.01
C ILE C 284 11.20 -1.23 -24.88
N LEU C 285 11.97 -2.16 -24.32
CA LEU C 285 13.06 -2.78 -25.07
C LEU C 285 12.58 -3.33 -26.42
N LEU C 286 11.46 -4.05 -26.43
CA LEU C 286 10.96 -4.66 -27.68
C LEU C 286 10.51 -3.63 -28.72
N SER C 287 10.01 -2.48 -28.25
CA SER C 287 9.58 -1.39 -29.10
C SER C 287 10.72 -0.85 -29.91
N GLY C 288 10.53 -0.73 -31.23
CA GLY C 288 11.58 -0.27 -32.13
C GLY C 288 12.61 -1.32 -32.52
N THR C 289 12.98 -2.19 -31.58
CA THR C 289 14.02 -3.19 -31.85
C THR C 289 13.50 -4.35 -32.68
N VAL C 290 12.26 -4.76 -32.40
CA VAL C 290 11.68 -6.00 -32.93
C VAL C 290 10.31 -5.72 -33.49
N VAL C 291 9.58 -4.84 -32.81
CA VAL C 291 8.24 -4.42 -33.19
C VAL C 291 8.26 -2.92 -33.48
N ASP C 292 7.78 -2.54 -34.67
CA ASP C 292 7.80 -1.12 -35.08
C ASP C 292 6.44 -0.47 -34.87
N ASN C 293 5.41 -1.29 -34.84
CA ASN C 293 4.06 -0.81 -34.65
C ASN C 293 3.27 -1.82 -33.81
N TRP C 294 2.74 -1.38 -32.68
CA TRP C 294 2.07 -2.33 -31.76
C TRP C 294 0.68 -2.70 -32.23
N TYR C 295 -0.04 -1.77 -32.85
CA TYR C 295 -1.29 -2.07 -33.53
C TYR C 295 -1.12 -3.20 -34.54
N VAL C 296 -0.14 -3.06 -35.42
CA VAL C 296 0.15 -4.05 -36.46
C VAL C 296 0.51 -5.42 -35.86
N TRP C 297 1.51 -5.44 -34.98
CA TRP C 297 1.88 -6.65 -34.27
C TRP C 297 0.61 -7.27 -33.69
N GLY C 298 -0.25 -6.42 -33.11
CA GLY C 298 -1.49 -6.86 -32.46
C GLY C 298 -2.41 -7.62 -33.38
N GLN C 299 -2.42 -7.21 -34.64
CA GLN C 299 -3.27 -7.82 -35.68
C GLN C 299 -2.80 -9.22 -36.07
N ASN C 300 -1.50 -9.40 -36.26
CA ASN C 300 -0.96 -10.71 -36.57
C ASN C 300 -0.89 -11.62 -35.34
N HIS C 301 0.20 -11.47 -34.59
CA HIS C 301 0.49 -12.28 -33.42
C HIS C 301 -0.43 -11.87 -32.26
N GLY C 302 -1.71 -12.30 -32.36
CA GLY C 302 -2.77 -11.95 -31.42
C GLY C 302 -2.52 -12.40 -29.99
#